data_8RE3
#
_entry.id   8RE3
#
_cell.length_a   82.090
_cell.length_b   97.697
_cell.length_c   116.037
_cell.angle_alpha   90.00
_cell.angle_beta   90.00
_cell.angle_gamma   90.00
#
_symmetry.space_group_name_H-M   'P 21 21 21'
#
loop_
_entity.id
_entity.type
_entity.pdbx_description
1 polymer 'Peroxidase, putative'
2 non-polymer 'PROTOPORPHYRIN IX CONTAINING FE'
3 non-polymer 'HYDROXIDE ION'
4 non-polymer 'CHLORIDE ION'
5 non-polymer 'CALCIUM ION'
6 water water
#
_entity_poly.entity_id   1
_entity_poly.type   'polypeptide(L)'
_entity_poly.pdbx_seq_one_letter_code
;HNDKIDLDLDDIQATVLRERPEPYYGTHAMVRFDTAEGGRELLKRLLPHIASAEKWWDVKYAWTAAAISYEGLKKLGVPQ
DSLDSFPESFKVGMAGRAEHLFDVGENDPKHWEKPFGTGQVHLALTIFAENEENWQKALVIAEHELGATKGVTLLMREDF
GAQPDSRNSLGYKDGISNPAIEGSGIKPFPGQGPAIKPGEFVLGYPGEAGVPLGMPKPEVLGKNGTFVALRKYHTNAGSF
NRYLKENAEYTGGDAELLAAKLVGRWRSGAPLTLAPKEDDPELGHDPNRNNDFTYKNDPEGLEVPLGSHIRRMNPRDTKL
ELLTDVNIHRIIRRATAYGPAYDPKADSLAEDKVERGLYFIFISAKAMDTTEFLQKEWINKANFIGQGSERDPIVGLQDE
DLTFTLPKEPVRQRLRGMDTFNVLRGGEYLFMPSLSALKWLSELK
;
_entity_poly.pdbx_strand_id   A,B
#
loop_
_chem_comp.id
_chem_comp.type
_chem_comp.name
_chem_comp.formula
CA non-polymer 'CALCIUM ION' 'Ca 2'
CL non-polymer 'CHLORIDE ION' 'Cl -1'
HEM non-polymer 'PROTOPORPHYRIN IX CONTAINING FE' 'C34 H32 Fe N4 O4'
OH non-polymer 'HYDROXIDE ION' 'H O -1'
#
# COMPACT_ATOMS: atom_id res chain seq x y z
N HIS A 1 8.00 44.64 -5.46
CA HIS A 1 7.77 44.61 -4.03
C HIS A 1 7.92 46.02 -3.46
N ASN A 2 7.40 46.25 -2.26
CA ASN A 2 7.53 47.56 -1.64
C ASN A 2 8.06 47.47 -0.21
N ASP A 3 8.69 46.37 0.18
CA ASP A 3 9.26 46.18 1.51
C ASP A 3 10.46 45.23 1.39
N LYS A 4 11.41 45.37 2.32
CA LYS A 4 12.62 44.56 2.31
C LYS A 4 12.28 43.07 2.38
N ILE A 5 12.84 42.28 1.47
CA ILE A 5 12.63 40.83 1.43
C ILE A 5 13.70 40.13 2.26
N ASP A 6 13.27 39.37 3.24
CA ASP A 6 14.15 38.57 4.08
C ASP A 6 13.99 37.06 3.86
N LEU A 7 12.90 36.61 3.27
CA LEU A 7 12.63 35.20 3.09
C LEU A 7 13.24 34.71 1.78
N ASP A 8 13.67 33.44 1.78
CA ASP A 8 14.10 32.73 0.57
C ASP A 8 12.87 32.39 -0.27
N LEU A 9 12.29 33.40 -0.93
CA LEU A 9 11.02 33.19 -1.63
C LEU A 9 11.12 32.12 -2.71
N ASP A 10 12.28 32.00 -3.37
CA ASP A 10 12.40 31.04 -4.46
C ASP A 10 12.46 29.59 -3.96
N ASP A 11 12.57 29.37 -2.66
CA ASP A 11 12.59 28.03 -2.10
C ASP A 11 11.36 27.70 -1.26
N ILE A 12 10.55 28.70 -0.88
CA ILE A 12 9.31 28.48 -0.11
C ILE A 12 8.18 28.17 -1.08
N GLN A 13 7.30 27.24 -0.72
CA GLN A 13 6.17 26.95 -1.58
C GLN A 13 5.26 28.16 -1.74
N ALA A 14 4.72 28.31 -2.96
CA ALA A 14 3.89 29.47 -3.28
C ALA A 14 2.75 29.66 -2.28
N THR A 15 2.11 28.56 -1.86
CA THR A 15 0.87 28.68 -1.08
C THR A 15 1.10 29.32 0.27
N VAL A 16 2.34 29.25 0.78
CA VAL A 16 2.66 29.88 2.05
C VAL A 16 2.38 31.38 1.99
N LEU A 17 2.64 32.01 0.85
CA LEU A 17 2.55 33.46 0.71
C LEU A 17 1.47 33.93 -0.25
N ARG A 18 1.10 33.14 -1.25
CA ARG A 18 0.13 33.58 -2.23
C ARG A 18 -1.28 33.56 -1.64
N GLU A 19 -1.98 34.67 -1.77
CA GLU A 19 -3.41 34.69 -1.52
C GLU A 19 -4.17 33.82 -2.49
N ARG A 20 -5.24 33.22 -2.00
CA ARG A 20 -6.20 32.56 -2.87
C ARG A 20 -6.65 33.53 -3.97
N PRO A 21 -6.78 33.09 -5.22
CA PRO A 21 -7.32 33.95 -6.27
C PRO A 21 -8.79 34.29 -6.03
N GLU A 22 -9.22 35.37 -6.72
CA GLU A 22 -10.62 35.73 -6.80
C GLU A 22 -10.94 36.09 -8.24
N PRO A 23 -11.85 35.38 -8.90
CA PRO A 23 -12.50 34.15 -8.45
C PRO A 23 -11.48 33.05 -8.31
N TYR A 24 -11.91 31.90 -7.79
CA TYR A 24 -11.02 30.75 -7.64
C TYR A 24 -11.72 29.47 -8.04
N TYR A 25 -10.89 28.55 -8.54
CA TYR A 25 -11.22 27.21 -8.97
C TYR A 25 -10.08 26.31 -8.49
N GLY A 26 -10.39 25.06 -8.20
CA GLY A 26 -9.31 24.17 -7.82
C GLY A 26 -9.78 22.78 -7.47
N THR A 27 -8.81 21.98 -7.01
CA THR A 27 -9.01 20.59 -6.66
C THR A 27 -8.13 20.25 -5.48
N HIS A 28 -8.69 19.56 -4.50
CA HIS A 28 -7.94 18.89 -3.46
C HIS A 28 -7.89 17.41 -3.78
N ALA A 29 -6.68 16.83 -3.71
CA ALA A 29 -6.46 15.41 -3.94
C ALA A 29 -5.63 14.81 -2.81
N MET A 30 -6.11 13.70 -2.25
CA MET A 30 -5.45 12.96 -1.20
C MET A 30 -4.89 11.70 -1.82
N VAL A 31 -3.62 11.43 -1.54
CA VAL A 31 -2.84 10.38 -2.18
C VAL A 31 -2.17 9.54 -1.09
N ARG A 32 -2.17 8.22 -1.30
CA ARG A 32 -1.41 7.29 -0.48
C ARG A 32 -0.22 6.78 -1.27
N PHE A 33 0.92 6.70 -0.61
CA PHE A 33 2.13 6.09 -1.14
C PHE A 33 2.06 4.59 -0.82
N ASP A 34 1.83 3.76 -1.82
CA ASP A 34 1.77 2.32 -1.56
C ASP A 34 3.16 1.73 -1.34
N THR A 35 4.18 2.31 -1.97
CA THR A 35 5.58 2.00 -1.73
C THR A 35 6.37 3.29 -1.54
N ALA A 36 7.50 3.16 -0.86
CA ALA A 36 8.46 4.26 -0.77
C ALA A 36 8.86 4.75 -2.16
N GLU A 37 9.16 3.81 -3.04
CA GLU A 37 9.62 4.16 -4.38
C GLU A 37 8.55 4.93 -5.15
N GLY A 38 7.28 4.54 -5.00
CA GLY A 38 6.22 5.24 -5.69
C GLY A 38 6.06 6.66 -5.19
N GLY A 39 6.08 6.85 -3.87
CA GLY A 39 5.99 8.19 -3.32
C GLY A 39 7.10 9.10 -3.81
N ARG A 40 8.33 8.59 -3.83
CA ARG A 40 9.45 9.42 -4.26
C ARG A 40 9.34 9.77 -5.73
N GLU A 41 8.94 8.80 -6.55
CA GLU A 41 8.82 9.07 -7.98
C GLU A 41 7.74 10.10 -8.25
N LEU A 42 6.62 10.01 -7.52
CA LEU A 42 5.55 10.99 -7.66
C LEU A 42 6.06 12.39 -7.36
N LEU A 43 6.79 12.54 -6.25
CA LEU A 43 7.34 13.84 -5.92
C LEU A 43 8.30 14.33 -6.99
N LYS A 44 9.17 13.44 -7.52
CA LYS A 44 10.05 13.85 -8.60
C LYS A 44 9.26 14.30 -9.82
N ARG A 45 8.18 13.59 -10.13
CA ARG A 45 7.38 14.00 -11.28
C ARG A 45 6.69 15.32 -11.04
N LEU A 46 6.26 15.59 -9.82
CA LEU A 46 5.51 16.81 -9.56
C LEU A 46 6.39 18.04 -9.34
N LEU A 47 7.63 17.85 -8.94
CA LEU A 47 8.45 18.98 -8.50
C LEU A 47 8.51 20.11 -9.52
N PRO A 48 8.71 19.87 -10.82
CA PRO A 48 8.70 20.99 -11.79
C PRO A 48 7.42 21.78 -11.80
N HIS A 49 6.33 21.21 -11.30
CA HIS A 49 5.00 21.81 -11.34
C HIS A 49 4.59 22.48 -10.04
N ILE A 50 5.48 22.52 -9.06
CA ILE A 50 5.20 23.10 -7.74
C ILE A 50 5.96 24.42 -7.67
N ALA A 51 5.22 25.51 -7.83
CA ALA A 51 5.79 26.84 -7.88
C ALA A 51 6.26 27.34 -6.50
N SER A 52 7.30 28.19 -6.51
CA SER A 52 7.78 28.87 -5.32
C SER A 52 7.00 30.15 -5.07
N ALA A 53 7.37 30.84 -3.99
CA ALA A 53 6.78 32.12 -3.58
C ALA A 53 7.48 33.32 -4.21
N GLU A 54 8.42 33.10 -5.12
CA GLU A 54 8.98 34.20 -5.90
C GLU A 54 7.87 35.08 -6.46
N LYS A 55 7.98 36.37 -6.22
CA LYS A 55 7.03 37.35 -6.75
C LYS A 55 5.59 36.90 -6.50
N TRP A 56 5.33 36.48 -5.26
CA TRP A 56 4.02 35.99 -4.86
C TRP A 56 2.95 37.07 -4.97
N TRP A 57 3.35 38.34 -4.98
CA TRP A 57 2.41 39.42 -5.15
C TRP A 57 1.93 39.56 -6.59
N ASP A 58 2.62 38.95 -7.56
CA ASP A 58 2.29 39.09 -8.97
C ASP A 58 1.13 38.14 -9.34
N VAL A 59 0.57 38.35 -10.52
CA VAL A 59 -0.51 37.49 -10.99
C VAL A 59 0.06 36.15 -11.44
N LYS A 60 -0.57 35.08 -10.98
CA LYS A 60 -0.23 33.73 -11.39
C LYS A 60 -1.54 32.99 -11.57
N TYR A 61 -1.70 32.34 -12.73
CA TYR A 61 -3.02 31.83 -13.08
C TYR A 61 -3.34 30.54 -12.36
N ALA A 62 -2.32 29.74 -12.01
CA ALA A 62 -2.54 28.52 -11.25
C ALA A 62 -1.24 28.06 -10.61
N TRP A 63 -1.38 27.35 -9.48
CA TRP A 63 -0.26 26.71 -8.82
C TRP A 63 -0.75 25.47 -8.09
N THR A 64 0.20 24.60 -7.79
CA THR A 64 0.00 23.29 -7.20
C THR A 64 0.83 23.18 -5.94
N ALA A 65 0.16 22.87 -4.85
CA ALA A 65 0.76 22.77 -3.53
C ALA A 65 0.85 21.32 -3.11
N ALA A 66 1.85 21.02 -2.31
CA ALA A 66 2.07 19.66 -1.84
C ALA A 66 2.38 19.69 -0.35
N ALA A 67 1.64 18.90 0.42
CA ALA A 67 1.90 18.79 1.85
C ALA A 67 1.78 17.34 2.28
N ILE A 68 2.66 16.92 3.18
CA ILE A 68 2.90 15.51 3.46
C ILE A 68 2.67 15.21 4.94
N SER A 69 2.00 14.11 5.22
CA SER A 69 1.70 13.74 6.59
C SER A 69 2.87 13.00 7.21
N TYR A 70 2.75 12.70 8.51
CA TYR A 70 3.77 11.92 9.18
C TYR A 70 3.88 10.54 8.54
N GLU A 71 2.75 9.86 8.33
CA GLU A 71 2.81 8.54 7.70
C GLU A 71 3.36 8.62 6.30
N GLY A 72 3.19 9.77 5.63
CA GLY A 72 3.75 9.91 4.29
C GLY A 72 5.27 10.06 4.30
N LEU A 73 5.79 10.85 5.25
CA LEU A 73 7.25 10.95 5.39
C LEU A 73 7.85 9.60 5.79
N LYS A 74 7.21 8.92 6.74
CA LYS A 74 7.68 7.59 7.13
C LYS A 74 7.75 6.68 5.92
N LYS A 75 6.67 6.63 5.14
CA LYS A 75 6.62 5.73 4.00
C LYS A 75 7.66 6.10 2.97
N LEU A 76 7.95 7.39 2.79
CA LEU A 76 8.98 7.80 1.84
C LEU A 76 10.37 7.31 2.26
N GLY A 77 10.54 6.91 3.52
CA GLY A 77 11.83 6.48 4.02
C GLY A 77 12.63 7.56 4.69
N VAL A 78 11.98 8.63 5.14
CA VAL A 78 12.70 9.65 5.93
C VAL A 78 13.34 8.96 7.14
N PRO A 79 14.64 9.16 7.39
CA PRO A 79 15.29 8.42 8.48
C PRO A 79 14.67 8.72 9.82
N GLN A 80 14.77 7.75 10.73
CA GLN A 80 14.15 7.89 12.04
C GLN A 80 14.62 9.13 12.76
N ASP A 81 15.89 9.49 12.59
CA ASP A 81 16.40 10.68 13.27
C ASP A 81 15.63 11.90 12.81
N SER A 82 15.32 11.99 11.51
CA SER A 82 14.52 13.11 11.01
C SER A 82 13.08 13.02 11.50
N LEU A 83 12.48 11.82 11.43
CA LEU A 83 11.10 11.69 11.88
C LEU A 83 10.96 12.13 13.32
N ASP A 84 11.97 11.84 14.14
CA ASP A 84 11.90 12.17 15.56
C ASP A 84 11.97 13.67 15.80
N SER A 85 12.50 14.45 14.84
CA SER A 85 12.62 15.89 15.00
C SER A 85 11.33 16.64 14.70
N PHE A 86 10.26 15.95 14.32
CA PHE A 86 8.99 16.60 14.10
C PHE A 86 8.20 16.68 15.41
N PRO A 87 7.31 17.64 15.54
CA PRO A 87 6.52 17.74 16.77
C PRO A 87 5.70 16.48 16.99
N GLU A 88 5.47 16.19 18.26
CA GLU A 88 4.71 15.00 18.64
C GLU A 88 3.29 15.10 18.11
N SER A 89 2.69 16.29 18.18
CA SER A 89 1.35 16.48 17.64
C SER A 89 1.28 16.04 16.19
N PHE A 90 2.26 16.43 15.39
CA PHE A 90 2.29 16.04 13.98
C PHE A 90 2.42 14.53 13.82
N LYS A 91 3.27 13.91 14.63
CA LYS A 91 3.46 12.46 14.54
C LYS A 91 2.19 11.74 14.91
N VAL A 92 1.52 12.19 15.97
CA VAL A 92 0.27 11.54 16.40
C VAL A 92 -0.81 11.71 15.33
N GLY A 93 -0.83 12.86 14.67
CA GLY A 93 -1.81 13.17 13.64
C GLY A 93 -3.06 13.81 14.22
N MET A 94 -3.85 14.42 13.33
CA MET A 94 -4.96 15.25 13.80
C MET A 94 -5.99 14.45 14.61
N ALA A 95 -6.48 13.34 14.06
CA ALA A 95 -7.45 12.52 14.77
C ALA A 95 -6.94 12.10 16.14
N GLY A 96 -5.67 11.70 16.21
CA GLY A 96 -5.06 11.29 17.46
C GLY A 96 -5.00 12.40 18.47
N ARG A 97 -5.02 13.66 18.00
CA ARG A 97 -5.01 14.83 18.87
C ARG A 97 -6.41 15.39 19.10
N ALA A 98 -7.44 14.58 18.84
CA ALA A 98 -8.80 15.08 18.98
C ALA A 98 -9.04 15.71 20.35
N GLU A 99 -8.45 15.15 21.42
CA GLU A 99 -8.72 15.74 22.73
C GLU A 99 -8.16 17.15 22.84
N HIS A 100 -7.01 17.42 22.21
CA HIS A 100 -6.42 18.75 22.22
C HIS A 100 -7.14 19.73 21.30
N LEU A 101 -7.97 19.23 20.39
CA LEU A 101 -8.75 20.03 19.46
C LEU A 101 -10.22 20.17 19.85
N PHE A 102 -10.65 19.47 20.89
CA PHE A 102 -12.07 19.38 21.21
C PHE A 102 -12.87 18.86 20.00
N ASP A 103 -12.27 17.92 19.25
CA ASP A 103 -12.95 17.25 18.13
C ASP A 103 -13.70 16.06 18.72
N VAL A 104 -14.83 16.38 19.32
CA VAL A 104 -15.64 15.44 20.07
C VAL A 104 -17.06 15.54 19.52
N GLY A 105 -17.89 14.59 19.93
CA GLY A 105 -19.29 14.68 19.56
C GLY A 105 -19.46 14.56 18.06
N GLU A 106 -20.19 15.52 17.49
CA GLU A 106 -20.43 15.56 16.04
C GLU A 106 -19.12 15.59 15.24
N ASN A 107 -18.05 16.11 15.83
CA ASN A 107 -16.74 16.21 15.19
C ASN A 107 -15.80 15.07 15.55
N ASP A 108 -16.26 14.06 16.30
CA ASP A 108 -15.38 12.98 16.74
C ASP A 108 -14.78 12.28 15.52
N PRO A 109 -13.48 11.98 15.52
CA PRO A 109 -12.88 11.30 14.35
C PRO A 109 -13.51 9.95 14.02
N LYS A 110 -14.19 9.31 14.97
CA LYS A 110 -14.87 8.05 14.70
C LYS A 110 -15.82 8.16 13.52
N HIS A 111 -16.42 9.34 13.33
CA HIS A 111 -17.43 9.54 12.30
C HIS A 111 -16.92 10.26 11.05
N TRP A 112 -15.61 10.51 10.96
CA TRP A 112 -15.06 11.21 9.82
C TRP A 112 -15.20 10.42 8.51
N GLU A 113 -15.23 11.17 7.43
CA GLU A 113 -15.22 10.63 6.08
C GLU A 113 -13.87 9.99 5.76
N LYS A 114 -13.90 8.77 5.24
CA LYS A 114 -12.66 8.22 4.69
C LYS A 114 -12.18 9.12 3.56
N PRO A 115 -10.87 9.28 3.38
CA PRO A 115 -9.73 8.66 4.07
C PRO A 115 -9.14 9.36 5.30
N PHE A 116 -9.83 10.35 5.85
CA PHE A 116 -9.25 11.18 6.87
C PHE A 116 -9.20 10.44 8.20
N GLY A 117 -8.11 10.66 8.93
CA GLY A 117 -7.93 10.16 10.26
C GLY A 117 -7.41 8.74 10.34
N THR A 118 -7.18 8.07 9.23
CA THR A 118 -6.75 6.69 9.21
C THR A 118 -5.24 6.49 9.00
N GLY A 119 -4.47 7.55 8.83
CA GLY A 119 -3.09 7.42 8.47
C GLY A 119 -2.86 7.12 7.01
N GLN A 120 -3.92 6.91 6.24
CA GLN A 120 -3.77 6.62 4.81
C GLN A 120 -3.48 7.85 3.97
N VAL A 121 -3.84 9.05 4.42
CA VAL A 121 -3.47 10.24 3.66
C VAL A 121 -1.97 10.49 3.87
N HIS A 122 -1.20 10.35 2.82
CA HIS A 122 0.22 10.63 2.88
C HIS A 122 0.58 11.98 2.28
N LEU A 123 -0.08 12.36 1.19
CA LEU A 123 0.16 13.57 0.43
C LEU A 123 -1.17 14.22 0.07
N ALA A 124 -1.28 15.50 0.38
CA ALA A 124 -2.37 16.35 -0.04
C ALA A 124 -1.84 17.27 -1.12
N LEU A 125 -2.46 17.21 -2.28
CA LEU A 125 -2.16 18.06 -3.42
C LEU A 125 -3.31 19.03 -3.59
N THR A 126 -2.99 20.30 -3.72
CA THR A 126 -4.02 21.29 -3.94
C THR A 126 -3.64 22.10 -5.18
N ILE A 127 -4.58 22.21 -6.10
CA ILE A 127 -4.47 23.12 -7.24
C ILE A 127 -5.34 24.33 -6.95
N PHE A 128 -4.70 25.50 -6.95
CA PHE A 128 -5.39 26.79 -6.93
C PHE A 128 -5.34 27.41 -8.33
N ALA A 129 -6.47 27.96 -8.79
CA ALA A 129 -6.49 28.64 -10.08
C ALA A 129 -7.46 29.82 -10.08
N GLU A 130 -7.11 30.83 -10.88
CA GLU A 130 -7.90 32.02 -11.08
C GLU A 130 -8.92 31.90 -12.21
N ASN A 131 -8.77 30.93 -13.09
CA ASN A 131 -9.74 30.70 -14.15
C ASN A 131 -9.81 29.21 -14.43
N GLU A 132 -10.89 28.84 -15.11
CA GLU A 132 -11.16 27.42 -15.36
C GLU A 132 -10.15 26.81 -16.32
N GLU A 133 -9.65 27.57 -17.30
CA GLU A 133 -8.73 26.98 -18.27
C GLU A 133 -7.44 26.56 -17.58
N ASN A 134 -6.89 27.42 -16.73
CA ASN A 134 -5.62 27.11 -16.09
C ASN A 134 -5.79 26.08 -14.98
N TRP A 135 -6.95 26.07 -14.31
CA TRP A 135 -7.29 24.97 -13.40
C TRP A 135 -7.17 23.65 -14.13
N GLN A 136 -7.82 23.53 -15.30
CA GLN A 136 -7.82 22.25 -16.00
C GLN A 136 -6.42 21.87 -16.51
N LYS A 137 -5.64 22.83 -17.01
CA LYS A 137 -4.27 22.54 -17.40
C LYS A 137 -3.47 21.93 -16.25
N ALA A 138 -3.56 22.52 -15.05
CA ALA A 138 -2.80 22.00 -13.92
C ALA A 138 -3.34 20.64 -13.48
N LEU A 139 -4.65 20.47 -13.58
CA LEU A 139 -5.27 19.21 -13.20
C LEU A 139 -4.86 18.08 -14.15
N VAL A 140 -4.85 18.37 -15.45
CA VAL A 140 -4.43 17.38 -16.45
C VAL A 140 -3.02 16.89 -16.14
N ILE A 141 -2.10 17.84 -15.94
CA ILE A 141 -0.72 17.52 -15.57
C ILE A 141 -0.67 16.66 -14.32
N ALA A 142 -1.34 17.08 -13.24
CA ALA A 142 -1.24 16.34 -12.00
C ALA A 142 -1.81 14.94 -12.16
N GLU A 143 -2.95 14.80 -12.83
CA GLU A 143 -3.54 13.48 -13.01
C GLU A 143 -2.66 12.61 -13.91
N HIS A 144 -2.00 13.20 -14.90
CA HIS A 144 -1.12 12.42 -15.75
C HIS A 144 0.05 11.87 -14.94
N GLU A 145 0.69 12.72 -14.14
CA GLU A 145 1.81 12.26 -13.34
C GLU A 145 1.38 11.24 -12.28
N LEU A 146 0.17 11.38 -11.73
CA LEU A 146 -0.33 10.38 -10.81
C LEU A 146 -0.54 9.05 -11.54
N GLY A 147 -1.21 9.09 -12.68
CA GLY A 147 -1.50 7.86 -13.41
C GLY A 147 -0.23 7.13 -13.81
N ALA A 148 0.80 7.89 -14.16
CA ALA A 148 2.05 7.33 -14.65
C ALA A 148 2.93 6.73 -13.55
N THR A 149 2.57 6.89 -12.28
CA THR A 149 3.46 6.54 -11.18
C THR A 149 2.98 5.23 -10.56
N LYS A 150 3.80 4.20 -10.65
CA LYS A 150 3.50 2.95 -9.99
C LYS A 150 3.78 3.11 -8.50
N GLY A 151 2.90 2.56 -7.68
CA GLY A 151 3.12 2.57 -6.24
C GLY A 151 2.47 3.72 -5.49
N VAL A 152 1.56 4.48 -6.12
CA VAL A 152 0.73 5.46 -5.43
C VAL A 152 -0.72 5.27 -5.80
N THR A 153 -1.62 5.71 -4.90
CA THR A 153 -3.05 5.58 -5.11
C THR A 153 -3.75 6.90 -4.79
N LEU A 154 -4.56 7.38 -5.73
CA LEU A 154 -5.43 8.53 -5.48
C LEU A 154 -6.59 8.06 -4.60
N LEU A 155 -6.68 8.64 -3.39
CA LEU A 155 -7.71 8.21 -2.45
C LEU A 155 -9.02 8.97 -2.66
N MET A 156 -8.91 10.25 -3.00
CA MET A 156 -10.04 11.15 -3.00
C MET A 156 -9.63 12.38 -3.79
N ARG A 157 -10.54 12.86 -4.61
CA ARG A 157 -10.40 14.16 -5.24
C ARG A 157 -11.71 14.90 -5.10
N GLU A 158 -11.62 16.19 -4.77
CA GLU A 158 -12.78 17.04 -4.68
C GLU A 158 -12.47 18.42 -5.24
N ASP A 159 -13.29 18.87 -6.17
CA ASP A 159 -13.13 20.18 -6.75
C ASP A 159 -13.75 21.23 -5.85
N PHE A 160 -13.26 22.45 -5.98
CA PHE A 160 -13.74 23.55 -5.16
C PHE A 160 -13.81 24.82 -5.99
N GLY A 161 -14.36 25.85 -5.37
CA GLY A 161 -14.48 27.15 -5.99
C GLY A 161 -15.72 27.28 -6.84
N ALA A 162 -15.61 28.17 -7.82
CA ALA A 162 -16.71 28.45 -8.73
C ALA A 162 -17.96 28.91 -7.98
N GLN A 163 -17.81 29.47 -6.79
CA GLN A 163 -18.99 29.94 -6.10
C GLN A 163 -19.38 31.33 -6.63
N PRO A 164 -20.69 31.63 -6.70
CA PRO A 164 -21.12 33.00 -7.05
C PRO A 164 -20.48 34.06 -6.16
N ASP A 165 -19.83 35.05 -6.80
CA ASP A 165 -19.12 36.12 -6.09
C ASP A 165 -18.10 35.59 -5.08
N SER A 166 -17.59 34.38 -5.32
CA SER A 166 -16.57 33.75 -4.47
C SER A 166 -17.03 33.64 -3.02
N ARG A 167 -18.34 33.61 -2.76
CA ARG A 167 -18.82 33.50 -1.39
C ARG A 167 -18.64 32.07 -0.88
N ASN A 168 -18.54 31.93 0.43
CA ASN A 168 -18.36 30.59 0.99
C ASN A 168 -19.72 29.89 1.09
N SER A 169 -19.75 28.78 1.83
CA SER A 169 -20.90 27.90 1.88
C SER A 169 -22.04 28.43 2.76
N LEU A 170 -21.81 29.50 3.51
CA LEU A 170 -22.88 30.25 4.17
C LEU A 170 -23.08 31.63 3.57
N GLY A 171 -22.55 31.86 2.36
CA GLY A 171 -22.80 33.10 1.64
C GLY A 171 -21.93 34.28 2.01
N TYR A 172 -20.87 34.06 2.79
CA TYR A 172 -20.00 35.15 3.22
C TYR A 172 -18.80 35.29 2.28
N LYS A 173 -18.45 36.53 1.96
CA LYS A 173 -17.12 36.82 1.42
C LYS A 173 -16.08 36.40 2.44
N ASP A 174 -15.03 35.76 1.98
CA ASP A 174 -13.98 35.33 2.91
C ASP A 174 -12.62 35.53 2.25
N GLY A 175 -11.58 34.98 2.87
CA GLY A 175 -10.24 35.30 2.44
C GLY A 175 -9.86 36.75 2.63
N ILE A 176 -10.44 37.43 3.61
CA ILE A 176 -10.17 38.85 3.79
C ILE A 176 -8.97 39.11 4.70
N SER A 177 -8.99 38.61 5.94
CA SER A 177 -7.97 38.99 6.90
C SER A 177 -6.97 37.85 7.13
N ASN A 178 -5.72 38.07 6.73
CA ASN A 178 -4.63 37.14 7.00
C ASN A 178 -3.43 37.92 7.53
N PRO A 179 -2.55 37.28 8.31
CA PRO A 179 -1.38 38.00 8.85
C PRO A 179 -0.48 38.50 7.73
N ALA A 180 0.10 39.68 7.96
CA ALA A 180 1.22 40.20 7.18
C ALA A 180 2.50 39.64 7.78
N ILE A 181 3.48 39.37 6.94
CA ILE A 181 4.71 38.69 7.36
C ILE A 181 5.86 39.64 7.07
N GLU A 182 6.57 40.02 8.12
CA GLU A 182 7.73 40.87 7.95
C GLU A 182 8.80 40.11 7.18
N GLY A 183 9.27 40.69 6.07
CA GLY A 183 10.22 40.04 5.20
C GLY A 183 9.61 39.39 3.97
N SER A 184 8.27 39.42 3.83
CA SER A 184 7.62 38.89 2.64
C SER A 184 7.85 39.76 1.42
N GLY A 185 8.16 41.03 1.62
CA GLY A 185 8.33 41.95 0.53
C GLY A 185 7.17 42.89 0.32
N ILE A 186 6.06 42.70 1.03
CA ILE A 186 4.86 43.49 0.78
C ILE A 186 4.35 44.07 2.11
N LYS A 187 4.19 45.39 2.15
CA LYS A 187 3.71 46.06 3.35
C LYS A 187 2.25 45.70 3.62
N PRO A 188 1.83 45.70 4.89
CA PRO A 188 0.43 45.33 5.19
C PRO A 188 -0.58 46.26 4.56
N PHE A 189 -1.75 45.71 4.21
CA PHE A 189 -2.93 46.54 3.96
C PHE A 189 -3.32 47.30 5.23
N PRO A 190 -4.09 48.38 5.11
CA PRO A 190 -4.54 49.09 6.31
C PRO A 190 -5.31 48.15 7.24
N GLY A 191 -4.85 48.09 8.49
CA GLY A 191 -5.49 47.25 9.46
C GLY A 191 -4.98 45.82 9.49
N GLN A 192 -4.19 45.42 8.48
CA GLN A 192 -3.68 44.06 8.43
C GLN A 192 -2.51 43.88 9.38
N GLY A 193 -1.76 44.96 9.65
CA GLY A 193 -0.62 44.91 10.52
C GLY A 193 -1.03 44.57 11.93
N PRO A 194 -0.03 44.39 12.80
CA PRO A 194 1.41 44.58 12.57
C PRO A 194 1.98 43.42 11.76
N ALA A 195 2.99 43.60 10.93
CA ALA A 195 3.64 42.45 10.30
C ALA A 195 4.28 41.57 11.36
N ILE A 196 4.04 40.27 11.24
CA ILE A 196 4.50 39.28 12.21
C ILE A 196 5.88 38.80 11.80
N LYS A 197 6.70 38.48 12.79
CA LYS A 197 8.06 38.04 12.49
C LYS A 197 8.00 36.75 11.68
N PRO A 198 8.91 36.57 10.70
CA PRO A 198 8.72 35.50 9.70
C PRO A 198 8.73 34.11 10.27
N GLY A 199 9.48 33.86 11.34
CA GLY A 199 9.59 32.54 11.92
C GLY A 199 8.31 32.01 12.52
N GLU A 200 7.28 32.86 12.68
CA GLU A 200 5.99 32.32 13.09
C GLU A 200 5.33 31.54 11.97
N PHE A 201 5.74 31.78 10.73
CA PHE A 201 5.12 31.15 9.59
C PHE A 201 6.07 30.33 8.74
N VAL A 202 7.37 30.60 8.77
CA VAL A 202 8.32 29.85 7.95
C VAL A 202 9.48 29.35 8.82
N LEU A 203 9.75 28.08 8.74
CA LEU A 203 10.78 27.48 9.58
C LEU A 203 12.16 27.94 9.10
N GLY A 204 13.05 28.16 10.06
CA GLY A 204 14.40 28.59 9.78
C GLY A 204 14.60 30.08 9.93
N TYR A 205 13.59 30.82 10.36
CA TYR A 205 13.65 32.26 10.50
C TYR A 205 13.26 32.63 11.92
N PRO A 206 13.70 33.79 12.39
CA PRO A 206 13.35 34.19 13.76
C PRO A 206 11.87 34.55 13.88
N GLY A 207 11.25 34.07 14.96
CA GLY A 207 9.88 34.43 15.29
C GLY A 207 9.78 35.63 16.20
N GLU A 208 8.59 35.80 16.77
CA GLU A 208 8.33 36.99 17.59
C GLU A 208 9.28 37.06 18.77
N ALA A 209 9.75 35.92 19.26
CA ALA A 209 10.67 35.92 20.39
C ALA A 209 12.11 36.15 19.96
N GLY A 210 12.37 36.41 18.67
CA GLY A 210 13.69 36.75 18.21
C GLY A 210 14.57 35.59 17.79
N VAL A 211 14.08 34.36 17.92
CA VAL A 211 14.86 33.16 17.56
C VAL A 211 13.99 32.24 16.75
N PRO A 212 14.58 31.35 15.95
CA PRO A 212 13.78 30.39 15.19
C PRO A 212 13.10 29.39 16.11
N LEU A 213 11.86 29.07 15.75
CA LEU A 213 11.18 27.97 16.40
C LEU A 213 11.89 26.64 16.11
N GLY A 214 11.56 25.62 16.90
CA GLY A 214 12.09 24.30 16.60
C GLY A 214 11.67 23.86 15.21
N MET A 215 12.56 23.14 14.54
CA MET A 215 12.26 22.73 13.17
C MET A 215 12.78 21.34 12.87
N PRO A 216 12.35 20.72 11.78
CA PRO A 216 12.87 19.40 11.44
C PRO A 216 14.35 19.46 11.05
N LYS A 217 15.04 18.34 11.27
CA LYS A 217 16.41 18.19 10.82
C LYS A 217 16.49 17.03 9.84
N PRO A 218 17.45 17.04 8.91
CA PRO A 218 18.50 18.05 8.68
C PRO A 218 17.93 19.35 8.12
N GLU A 219 18.80 20.37 7.99
CA GLU A 219 18.36 21.69 7.57
C GLU A 219 17.68 21.68 6.21
N VAL A 220 18.14 20.85 5.28
CA VAL A 220 17.50 20.87 3.97
C VAL A 220 16.06 20.37 4.04
N LEU A 221 15.72 19.57 5.06
CA LEU A 221 14.35 19.10 5.23
C LEU A 221 13.47 20.17 5.89
N GLY A 222 14.00 20.86 6.89
CA GLY A 222 13.18 21.77 7.69
C GLY A 222 13.13 23.21 7.22
N LYS A 223 14.24 23.76 6.73
CA LYS A 223 14.29 25.17 6.37
C LYS A 223 13.35 25.49 5.21
N ASN A 224 12.67 26.64 5.30
CA ASN A 224 11.76 27.15 4.30
C ASN A 224 10.48 26.32 4.15
N GLY A 225 10.23 25.39 5.06
CA GLY A 225 8.97 24.69 5.14
C GLY A 225 8.07 25.28 6.22
N THR A 226 6.88 24.70 6.33
CA THR A 226 5.91 25.13 7.32
C THR A 226 4.93 24.00 7.57
N PHE A 227 4.08 24.18 8.56
CA PHE A 227 3.08 23.17 8.88
C PHE A 227 1.68 23.63 8.46
N VAL A 228 0.82 22.63 8.28
CA VAL A 228 -0.53 22.77 7.74
C VAL A 228 -1.46 21.96 8.61
N ALA A 229 -2.56 22.58 9.00
CA ALA A 229 -3.72 21.85 9.49
C ALA A 229 -4.74 21.93 8.38
N LEU A 230 -5.05 20.79 7.79
CA LEU A 230 -6.08 20.68 6.77
C LEU A 230 -7.33 20.16 7.45
N ARG A 231 -8.44 20.90 7.30
CA ARG A 231 -9.72 20.50 7.88
C ARG A 231 -10.86 20.71 6.86
N LYS A 232 -11.65 19.67 6.66
CA LYS A 232 -12.81 19.70 5.78
C LYS A 232 -14.06 19.73 6.65
N TYR A 233 -14.94 20.64 6.32
CA TYR A 233 -16.22 20.84 6.99
C TYR A 233 -17.37 20.61 6.03
N HIS A 234 -18.47 20.11 6.56
CA HIS A 234 -19.77 20.13 5.92
C HIS A 234 -20.58 21.26 6.54
N THR A 235 -21.25 22.03 5.70
CA THR A 235 -22.06 23.16 6.12
C THR A 235 -23.53 22.79 6.11
N ASN A 236 -24.21 23.08 7.22
CA ASN A 236 -25.64 22.85 7.41
C ASN A 236 -26.34 24.17 7.18
N ALA A 237 -26.50 24.51 5.90
CA ALA A 237 -27.02 25.82 5.53
C ALA A 237 -28.52 25.98 5.77
N GLY A 238 -29.30 24.89 5.63
CA GLY A 238 -30.72 24.97 5.93
C GLY A 238 -30.96 25.36 7.38
N SER A 239 -30.27 24.68 8.30
CA SER A 239 -30.39 25.00 9.71
C SER A 239 -29.86 26.39 10.04
N PHE A 240 -28.79 26.83 9.38
CA PHE A 240 -28.31 28.20 9.56
C PHE A 240 -29.37 29.20 9.12
N ASN A 241 -29.95 29.01 7.95
CA ASN A 241 -30.96 29.95 7.46
C ASN A 241 -32.17 30.00 8.39
N ARG A 242 -32.61 28.83 8.86
CA ARG A 242 -33.73 28.79 9.78
C ARG A 242 -33.39 29.50 11.08
N TYR A 243 -32.14 29.36 11.55
CA TYR A 243 -31.70 30.07 12.76
C TYR A 243 -31.81 31.58 12.59
N LEU A 244 -31.29 32.10 11.47
CA LEU A 244 -31.39 33.53 11.19
C LEU A 244 -32.83 34.00 11.17
N LYS A 245 -33.69 33.27 10.47
CA LYS A 245 -35.09 33.72 10.41
C LYS A 245 -35.71 33.77 11.80
N GLU A 246 -35.47 32.74 12.61
CA GLU A 246 -36.13 32.64 13.90
C GLU A 246 -35.52 33.54 14.98
N ASN A 247 -34.34 34.11 14.77
CA ASN A 247 -33.74 34.96 15.80
C ASN A 247 -33.49 36.38 15.30
N ALA A 248 -33.99 36.73 14.11
CA ALA A 248 -33.81 38.09 13.61
C ALA A 248 -34.59 39.11 14.43
N GLU A 249 -35.57 38.66 15.21
CA GLU A 249 -36.25 39.54 16.17
C GLU A 249 -35.25 40.21 17.10
N TYR A 250 -34.09 39.59 17.30
CA TYR A 250 -33.09 40.19 18.16
C TYR A 250 -32.26 41.26 17.47
N THR A 251 -32.38 41.39 16.15
CA THR A 251 -31.69 42.42 15.38
C THR A 251 -32.66 43.15 14.47
N GLY A 252 -33.75 43.64 15.07
CA GLY A 252 -34.72 44.49 14.38
C GLY A 252 -35.43 43.82 13.23
N GLY A 253 -35.57 42.51 13.29
CA GLY A 253 -36.13 41.74 12.20
C GLY A 253 -35.24 41.58 10.99
N ASP A 254 -34.01 42.06 11.04
CA ASP A 254 -33.08 42.00 9.91
C ASP A 254 -32.20 40.77 10.04
N ALA A 255 -32.48 39.74 9.23
CA ALA A 255 -31.71 38.50 9.29
C ALA A 255 -30.26 38.68 8.82
N GLU A 256 -30.04 39.62 7.89
CA GLU A 256 -28.69 39.88 7.41
C GLU A 256 -27.84 40.58 8.46
N LEU A 257 -28.44 41.42 9.29
CA LEU A 257 -27.72 42.01 10.40
C LEU A 257 -27.37 40.95 11.46
N LEU A 258 -28.26 39.98 11.68
CA LEU A 258 -27.90 38.90 12.59
C LEU A 258 -26.76 38.08 12.01
N ALA A 259 -26.81 37.79 10.70
CA ALA A 259 -25.68 37.13 10.04
C ALA A 259 -24.38 37.90 10.25
N ALA A 260 -24.46 39.23 10.19
CA ALA A 260 -23.28 40.06 10.41
C ALA A 260 -22.78 39.94 11.85
N LYS A 261 -23.71 39.87 12.81
CA LYS A 261 -23.30 39.84 14.21
C LYS A 261 -22.64 38.52 14.56
N LEU A 262 -23.09 37.42 13.94
CA LEU A 262 -22.53 36.13 14.29
C LEU A 262 -21.09 36.00 13.83
N VAL A 263 -20.78 36.49 12.63
CA VAL A 263 -19.40 36.40 12.11
C VAL A 263 -18.58 37.64 12.49
N GLY A 264 -19.22 38.82 12.54
CA GLY A 264 -18.55 40.07 12.73
C GLY A 264 -18.49 40.90 11.48
N ARG A 265 -18.82 40.31 10.33
CA ARG A 265 -18.91 41.00 9.05
C ARG A 265 -20.23 40.65 8.40
N TRP A 266 -20.83 41.63 7.72
CA TRP A 266 -21.87 41.37 6.74
C TRP A 266 -21.39 40.34 5.73
N ARG A 267 -22.32 39.65 5.06
CA ARG A 267 -21.90 38.67 4.07
C ARG A 267 -21.13 39.31 2.92
N SER A 268 -21.29 40.61 2.71
CA SER A 268 -20.54 41.34 1.70
C SER A 268 -19.05 41.47 2.03
N GLY A 269 -18.68 41.24 3.27
CA GLY A 269 -17.33 41.48 3.72
C GLY A 269 -17.15 42.73 4.56
N ALA A 270 -18.16 43.61 4.61
CA ALA A 270 -18.03 44.84 5.39
C ALA A 270 -18.06 44.51 6.88
N PRO A 271 -17.06 44.94 7.64
CA PRO A 271 -17.07 44.63 9.08
C PRO A 271 -18.02 45.58 9.79
N LEU A 272 -18.71 45.08 10.83
CA LEU A 272 -19.66 45.92 11.54
C LEU A 272 -18.97 47.12 12.18
N THR A 273 -17.68 47.02 12.47
CA THR A 273 -16.98 48.18 13.05
C THR A 273 -17.00 49.36 12.09
N LEU A 274 -17.07 49.11 10.79
CA LEU A 274 -17.08 50.17 9.78
C LEU A 274 -18.42 50.28 9.06
N ALA A 275 -19.40 49.47 9.44
CA ALA A 275 -20.73 49.50 8.86
C ALA A 275 -21.69 48.95 9.90
N PRO A 276 -21.89 49.68 11.01
CA PRO A 276 -22.58 49.07 12.15
C PRO A 276 -24.09 48.94 11.99
N LYS A 277 -24.72 49.72 11.11
CA LYS A 277 -26.17 49.69 11.01
C LYS A 277 -26.70 49.21 9.66
N GLU A 278 -26.00 49.48 8.56
CA GLU A 278 -26.39 48.92 7.27
C GLU A 278 -25.16 48.45 6.53
N ASP A 279 -25.40 47.52 5.61
CA ASP A 279 -24.33 46.92 4.82
C ASP A 279 -23.66 47.99 3.96
N ASP A 280 -22.41 47.74 3.62
CA ASP A 280 -21.62 48.60 2.73
C ASP A 280 -20.80 47.69 1.84
N PRO A 281 -21.44 47.11 0.82
CA PRO A 281 -20.75 46.09 -0.01
C PRO A 281 -19.50 46.60 -0.69
N GLU A 282 -19.53 47.84 -1.21
CA GLU A 282 -18.33 48.38 -1.84
C GLU A 282 -17.15 48.35 -0.89
N LEU A 283 -17.36 48.81 0.34
CA LEU A 283 -16.31 48.76 1.35
C LEU A 283 -15.88 47.33 1.61
N GLY A 284 -16.85 46.41 1.63
CA GLY A 284 -16.55 45.02 1.94
C GLY A 284 -15.64 44.35 0.92
N HIS A 285 -15.72 44.76 -0.35
CA HIS A 285 -14.91 44.16 -1.40
C HIS A 285 -13.59 44.89 -1.63
N ASP A 286 -13.29 45.92 -0.85
CA ASP A 286 -12.09 46.72 -1.08
C ASP A 286 -11.04 46.39 -0.03
N PRO A 287 -9.95 45.70 -0.41
CA PRO A 287 -8.95 45.32 0.61
C PRO A 287 -8.24 46.49 1.24
N ASN A 288 -8.29 47.69 0.65
CA ASN A 288 -7.64 48.83 1.31
C ASN A 288 -8.49 49.48 2.38
N ARG A 289 -9.76 49.06 2.52
CA ARG A 289 -10.66 49.55 3.54
C ARG A 289 -11.25 48.48 4.46
N ASN A 290 -11.43 47.24 3.97
CA ASN A 290 -12.31 46.32 4.68
C ASN A 290 -11.68 45.68 5.92
N ASN A 291 -10.40 45.96 6.20
CA ASN A 291 -9.73 45.41 7.37
C ASN A 291 -9.22 46.51 8.28
N ASP A 292 -9.52 47.77 7.99
CA ASP A 292 -8.90 48.90 8.67
C ASP A 292 -9.64 49.27 9.97
N PHE A 293 -9.56 48.36 10.95
CA PHE A 293 -10.14 48.57 12.28
C PHE A 293 -9.39 47.72 13.30
N THR A 294 -9.52 48.10 14.60
CA THR A 294 -8.82 47.35 15.64
C THR A 294 -9.69 47.02 16.84
N TYR A 295 -10.95 47.43 16.87
CA TYR A 295 -11.90 47.31 17.98
C TYR A 295 -11.67 48.36 19.08
N LYS A 296 -10.67 49.23 18.96
CA LYS A 296 -10.46 50.23 20.00
C LYS A 296 -11.72 51.07 20.22
N ASN A 297 -12.52 51.28 19.18
CA ASN A 297 -13.75 52.06 19.27
C ASN A 297 -14.99 51.22 19.57
N ASP A 298 -14.80 49.99 20.09
CA ASP A 298 -15.91 49.07 20.32
C ASP A 298 -15.56 48.13 21.46
N PRO A 299 -15.25 48.69 22.64
CA PRO A 299 -14.81 47.84 23.76
C PRO A 299 -15.86 46.90 24.28
N GLU A 300 -17.15 47.15 24.00
CA GLU A 300 -18.23 46.37 24.57
C GLU A 300 -18.87 45.41 23.59
N GLY A 301 -18.48 45.43 22.31
CA GLY A 301 -19.09 44.55 21.33
C GLY A 301 -20.39 45.04 20.75
N LEU A 302 -20.74 46.32 20.95
CA LEU A 302 -21.96 46.88 20.41
C LEU A 302 -21.98 46.87 18.89
N GLU A 303 -20.81 46.84 18.26
CA GLU A 303 -20.68 46.67 16.82
C GLU A 303 -20.37 45.21 16.51
N VAL A 304 -19.16 44.76 16.84
CA VAL A 304 -18.75 43.38 16.62
C VAL A 304 -18.79 42.66 17.96
N PRO A 305 -19.76 41.75 18.19
CA PRO A 305 -19.80 41.03 19.48
C PRO A 305 -18.47 40.38 19.82
N LEU A 306 -18.12 40.38 21.11
CA LEU A 306 -16.84 39.83 21.53
C LEU A 306 -16.73 38.34 21.23
N GLY A 307 -17.85 37.62 21.14
CA GLY A 307 -17.87 36.22 20.81
C GLY A 307 -18.21 35.92 19.36
N SER A 308 -18.30 36.95 18.51
CA SER A 308 -18.45 36.72 17.08
C SER A 308 -17.21 36.03 16.55
N HIS A 309 -17.35 35.39 15.40
CA HIS A 309 -16.27 34.55 14.87
C HIS A 309 -14.96 35.31 14.73
N ILE A 310 -14.97 36.44 14.02
CA ILE A 310 -13.69 37.07 13.68
C ILE A 310 -13.02 37.65 14.92
N ARG A 311 -13.80 38.13 15.89
CA ARG A 311 -13.24 38.73 17.09
C ARG A 311 -12.69 37.66 18.04
N ARG A 312 -13.29 36.47 18.02
CA ARG A 312 -12.68 35.33 18.69
C ARG A 312 -11.35 34.97 18.07
N MET A 313 -11.31 34.88 16.73
CA MET A 313 -10.17 34.31 16.02
C MET A 313 -9.00 35.29 15.97
N ASN A 314 -9.31 36.59 15.89
CA ASN A 314 -8.30 37.64 15.96
C ASN A 314 -8.84 38.76 16.84
N PRO A 315 -8.56 38.72 18.14
CA PRO A 315 -9.12 39.76 19.02
C PRO A 315 -8.54 41.16 18.82
N ARG A 316 -7.44 41.31 18.07
CA ARG A 316 -6.84 42.62 17.81
C ARG A 316 -6.63 43.32 19.15
N ASP A 317 -7.20 44.51 19.32
CA ASP A 317 -6.99 45.32 20.52
C ASP A 317 -7.94 44.99 21.67
N THR A 318 -8.77 43.97 21.55
CA THR A 318 -9.76 43.66 22.59
C THR A 318 -9.08 43.41 23.93
N LYS A 319 -9.69 43.92 24.99
CA LYS A 319 -9.26 43.63 26.35
C LYS A 319 -9.71 42.22 26.70
N LEU A 320 -8.75 41.31 26.79
CA LEU A 320 -8.99 39.93 27.16
C LEU A 320 -8.74 39.73 28.65
N GLU A 321 -9.15 38.57 29.14
CA GLU A 321 -8.66 38.09 30.42
C GLU A 321 -7.27 37.51 30.20
N LEU A 322 -6.27 38.07 30.88
CA LEU A 322 -4.85 37.78 30.67
C LEU A 322 -4.28 38.46 29.43
N LEU A 323 -3.24 39.26 29.64
CA LEU A 323 -2.54 39.93 28.57
C LEU A 323 -1.91 38.89 27.64
N THR A 324 -2.66 38.47 26.62
CA THR A 324 -2.19 37.48 25.67
C THR A 324 -1.58 38.19 24.47
N ASP A 325 -0.50 37.62 23.95
CA ASP A 325 0.17 38.17 22.77
C ASP A 325 -0.49 37.54 21.55
N VAL A 326 -1.40 38.29 20.92
CA VAL A 326 -2.11 37.73 19.77
C VAL A 326 -1.16 37.40 18.62
N ASN A 327 -0.01 38.08 18.55
CA ASN A 327 0.94 37.90 17.47
C ASN A 327 1.45 36.47 17.38
N ILE A 328 1.41 35.69 18.47
CA ILE A 328 1.90 34.33 18.40
C ILE A 328 0.77 33.31 18.26
N HIS A 329 -0.47 33.79 18.07
CA HIS A 329 -1.60 32.90 17.84
C HIS A 329 -2.27 33.14 16.49
N ARG A 330 -1.54 33.68 15.54
CA ARG A 330 -2.05 33.95 14.20
C ARG A 330 -1.89 32.73 13.30
N ILE A 331 -2.71 32.70 12.26
CA ILE A 331 -2.72 31.55 11.35
C ILE A 331 -3.00 32.08 9.95
N ILE A 332 -2.28 31.59 8.97
CA ILE A 332 -2.62 31.87 7.58
C ILE A 332 -3.72 30.91 7.15
N ARG A 333 -4.77 31.42 6.52
CA ARG A 333 -5.89 30.60 6.07
C ARG A 333 -6.03 30.70 4.57
N ARG A 334 -6.07 29.55 3.91
CA ARG A 334 -6.53 29.43 2.54
C ARG A 334 -7.84 28.65 2.61
N ALA A 335 -8.92 29.33 2.38
CA ALA A 335 -10.25 28.77 2.53
C ALA A 335 -10.81 28.46 1.14
N THR A 336 -11.36 27.27 0.96
CA THR A 336 -11.92 26.89 -0.33
C THR A 336 -13.30 26.27 -0.15
N ALA A 337 -14.31 27.01 -0.60
CA ALA A 337 -15.68 26.53 -0.52
C ALA A 337 -15.95 25.55 -1.67
N TYR A 338 -16.77 24.54 -1.39
CA TYR A 338 -17.08 23.54 -2.40
C TYR A 338 -18.59 23.24 -2.42
N GLY A 339 -19.01 22.64 -3.53
CA GLY A 339 -20.35 22.13 -3.67
C GLY A 339 -21.31 23.17 -4.22
N PRO A 340 -22.60 22.83 -4.25
CA PRO A 340 -23.60 23.77 -4.76
C PRO A 340 -23.58 25.08 -4.01
N ALA A 341 -23.82 26.17 -4.75
CA ALA A 341 -23.78 27.49 -4.14
C ALA A 341 -24.75 27.62 -2.97
N TYR A 342 -24.35 28.39 -1.97
CA TYR A 342 -25.23 28.71 -0.87
C TYR A 342 -26.49 29.37 -1.39
N ASP A 343 -27.64 28.90 -0.92
CA ASP A 343 -28.96 29.47 -1.23
C ASP A 343 -29.50 30.16 0.02
N PRO A 344 -29.65 31.48 0.02
CA PRO A 344 -30.11 32.15 1.25
C PRO A 344 -31.55 31.86 1.60
N LYS A 345 -32.34 31.32 0.67
CA LYS A 345 -33.76 31.08 0.90
C LYS A 345 -34.10 29.64 1.17
N ALA A 346 -33.13 28.74 1.18
CA ALA A 346 -33.42 27.32 1.39
C ALA A 346 -33.25 27.00 2.88
N ASP A 347 -34.34 26.63 3.58
CA ASP A 347 -34.27 26.35 5.00
C ASP A 347 -34.81 24.97 5.39
N SER A 348 -34.90 24.04 4.43
CA SER A 348 -35.36 22.70 4.72
C SER A 348 -34.28 21.81 5.35
N LEU A 349 -34.74 20.68 5.93
CA LEU A 349 -33.81 19.68 6.42
C LEU A 349 -33.01 19.09 5.27
N ALA A 350 -33.66 18.89 4.13
CA ALA A 350 -32.94 18.36 2.97
C ALA A 350 -31.80 19.30 2.56
N GLU A 351 -31.97 20.60 2.76
CA GLU A 351 -30.91 21.54 2.40
C GLU A 351 -29.64 21.28 3.20
N ASP A 352 -29.80 20.82 4.45
CA ASP A 352 -28.63 20.47 5.24
C ASP A 352 -27.86 19.28 4.65
N LYS A 353 -28.49 18.46 3.81
CA LYS A 353 -27.82 17.29 3.26
C LYS A 353 -27.19 17.55 1.89
N VAL A 354 -27.37 18.74 1.33
CA VAL A 354 -26.57 19.17 0.19
C VAL A 354 -25.11 19.07 0.57
N GLU A 355 -24.30 18.50 -0.32
CA GLU A 355 -22.87 18.31 -0.04
C GLU A 355 -22.11 19.59 -0.38
N ARG A 356 -22.19 20.54 0.55
CA ARG A 356 -21.43 21.78 0.45
C ARG A 356 -20.69 22.01 1.75
N GLY A 357 -19.63 22.81 1.66
CA GLY A 357 -18.86 23.14 2.83
C GLY A 357 -17.59 23.88 2.45
N LEU A 358 -16.58 23.71 3.30
CA LEU A 358 -15.30 24.40 3.17
C LEU A 358 -14.21 23.41 3.52
N TYR A 359 -13.10 23.49 2.78
CA TYR A 359 -11.80 23.03 3.24
C TYR A 359 -11.03 24.26 3.73
N PHE A 360 -10.26 24.08 4.80
CA PHE A 360 -9.25 25.06 5.19
C PHE A 360 -7.87 24.43 5.17
N ILE A 361 -6.94 25.19 4.62
CA ILE A 361 -5.51 24.99 4.80
C ILE A 361 -5.06 26.08 5.77
N PHE A 362 -4.77 25.69 7.03
CA PHE A 362 -4.23 26.56 8.08
C PHE A 362 -2.72 26.40 8.12
N ILE A 363 -1.98 27.49 7.92
CA ILE A 363 -0.54 27.46 7.71
C ILE A 363 0.14 28.25 8.82
N SER A 364 1.20 27.64 9.40
CA SER A 364 2.03 28.27 10.40
C SER A 364 3.18 27.35 10.75
N ALA A 365 4.30 27.93 11.19
CA ALA A 365 5.43 27.13 11.64
C ALA A 365 5.09 26.32 12.88
N LYS A 366 3.98 26.66 13.55
CA LYS A 366 3.45 25.88 14.66
C LYS A 366 1.94 25.67 14.47
N ALA A 367 1.55 25.27 13.26
CA ALA A 367 0.14 25.12 12.94
C ALA A 367 -0.57 24.16 13.91
N MET A 368 0.07 23.04 14.29
CA MET A 368 -0.57 22.12 15.23
C MET A 368 -0.91 22.84 16.52
N ASP A 369 0.09 23.49 17.11
CA ASP A 369 -0.12 24.17 18.37
C ASP A 369 -1.20 25.23 18.26
N THR A 370 -1.14 26.06 17.21
CA THR A 370 -2.09 27.15 17.11
C THR A 370 -3.49 26.67 16.78
N THR A 371 -3.61 25.66 15.93
CA THR A 371 -4.93 25.12 15.64
C THR A 371 -5.52 24.52 16.91
N GLU A 372 -4.71 23.80 17.70
CA GLU A 372 -5.18 23.23 18.97
C GLU A 372 -5.56 24.34 19.95
N PHE A 373 -4.73 25.39 20.02
CA PHE A 373 -5.04 26.49 20.92
C PHE A 373 -6.34 27.17 20.53
N LEU A 374 -6.50 27.52 19.25
CA LEU A 374 -7.72 28.20 18.82
C LEU A 374 -8.95 27.34 19.09
N GLN A 375 -8.86 26.05 18.76
CA GLN A 375 -10.00 25.15 18.93
C GLN A 375 -10.38 25.07 20.41
N LYS A 376 -9.38 24.90 21.27
CA LYS A 376 -9.67 24.57 22.66
C LYS A 376 -10.04 25.81 23.44
N GLU A 377 -9.36 26.93 23.15
CA GLU A 377 -9.45 28.13 23.99
C GLU A 377 -10.32 29.22 23.41
N TRP A 378 -10.32 29.45 22.08
CA TRP A 378 -11.02 30.61 21.54
C TRP A 378 -12.26 30.26 20.74
N ILE A 379 -12.43 29.01 20.34
CA ILE A 379 -13.62 28.54 19.63
C ILE A 379 -14.60 27.89 20.58
N ASN A 380 -14.15 26.93 21.39
CA ASN A 380 -15.05 26.07 22.15
C ASN A 380 -15.13 26.41 23.64
N LYS A 381 -14.65 27.58 24.02
CA LYS A 381 -14.98 28.19 25.32
C LYS A 381 -14.85 29.70 25.14
N ALA A 382 -15.16 30.45 26.20
CA ALA A 382 -15.09 31.91 26.09
C ALA A 382 -14.52 32.59 27.32
N ASN A 383 -13.70 31.87 28.10
CA ASN A 383 -13.07 32.49 29.26
C ASN A 383 -12.24 33.71 28.88
N PHE A 384 -11.54 33.65 27.75
CA PHE A 384 -10.67 34.77 27.37
C PHE A 384 -11.45 36.06 27.15
N ILE A 385 -12.72 35.96 26.74
CA ILE A 385 -13.56 37.13 26.51
C ILE A 385 -14.61 37.28 27.61
N GLY A 386 -14.52 36.49 28.68
CA GLY A 386 -15.44 36.64 29.81
C GLY A 386 -16.89 36.31 29.54
N GLN A 387 -17.17 35.39 28.63
CA GLN A 387 -18.54 34.95 28.36
C GLN A 387 -18.68 33.45 28.65
N GLY A 388 -17.86 32.95 29.57
CA GLY A 388 -18.07 31.62 30.14
C GLY A 388 -17.92 30.49 29.13
N SER A 389 -18.98 29.70 28.97
CA SER A 389 -18.94 28.49 28.14
C SER A 389 -19.43 28.74 26.71
N GLU A 390 -19.75 29.97 26.33
CA GLU A 390 -20.21 30.22 24.97
C GLU A 390 -19.15 29.81 23.97
N ARG A 391 -19.60 29.21 22.88
CA ARG A 391 -18.72 28.70 21.82
C ARG A 391 -18.98 29.46 20.53
N ASP A 392 -17.94 29.51 19.68
CA ASP A 392 -18.04 30.19 18.40
C ASP A 392 -19.33 29.79 17.66
N PRO A 393 -20.14 30.76 17.21
CA PRO A 393 -21.43 30.39 16.60
C PRO A 393 -21.31 29.71 15.25
N ILE A 394 -20.18 29.88 14.56
CA ILE A 394 -20.00 29.46 13.18
C ILE A 394 -19.33 28.09 13.13
N VAL A 395 -18.42 27.80 14.06
CA VAL A 395 -17.69 26.55 13.96
C VAL A 395 -17.54 25.86 15.32
N GLY A 396 -18.06 26.49 16.37
CA GLY A 396 -18.11 25.83 17.65
C GLY A 396 -19.10 24.68 17.68
N LEU A 397 -18.81 23.69 18.52
CA LEU A 397 -19.72 22.56 18.75
C LEU A 397 -20.85 23.05 19.64
N GLN A 398 -22.03 23.16 19.08
CA GLN A 398 -23.15 23.76 19.78
C GLN A 398 -24.12 22.70 20.34
N ASP A 399 -24.84 23.10 21.37
CA ASP A 399 -26.10 22.46 21.74
C ASP A 399 -27.05 23.58 22.10
N GLU A 400 -28.34 23.23 22.19
CA GLU A 400 -29.36 24.29 22.22
C GLU A 400 -29.28 25.15 23.47
N ASP A 401 -28.69 24.67 24.56
CA ASP A 401 -28.63 25.46 25.80
C ASP A 401 -27.47 26.45 25.83
N LEU A 402 -26.46 26.29 24.98
CA LEU A 402 -25.39 27.26 24.91
C LEU A 402 -25.87 28.56 24.28
N THR A 403 -25.26 29.68 24.68
CA THR A 403 -25.75 30.98 24.28
C THR A 403 -24.73 31.71 23.41
N PHE A 404 -25.23 32.76 22.77
CA PHE A 404 -24.41 33.73 22.05
C PHE A 404 -24.80 35.11 22.58
N THR A 405 -23.86 35.78 23.23
CA THR A 405 -24.13 37.09 23.81
C THR A 405 -24.02 38.14 22.72
N LEU A 406 -25.11 38.87 22.54
CA LEU A 406 -25.24 39.95 21.57
C LEU A 406 -25.39 41.27 22.32
N PRO A 407 -24.33 42.03 22.51
CA PRO A 407 -24.45 43.30 23.23
C PRO A 407 -25.41 44.25 22.54
N LYS A 408 -26.26 44.90 23.34
CA LYS A 408 -27.19 45.91 22.87
C LYS A 408 -27.41 46.92 23.99
N GLU A 409 -27.82 48.13 23.61
CA GLU A 409 -28.33 49.07 24.60
C GLU A 409 -29.85 48.93 24.71
N PRO A 410 -30.42 48.94 25.92
CA PRO A 410 -29.82 49.12 27.24
C PRO A 410 -29.31 47.82 27.84
N VAL A 411 -29.80 46.68 27.36
CA VAL A 411 -29.52 45.40 27.98
C VAL A 411 -29.06 44.41 26.91
N ARG A 412 -28.15 43.53 27.30
CA ARG A 412 -27.64 42.49 26.41
C ARG A 412 -28.74 41.49 26.07
N GLN A 413 -28.55 40.81 24.95
CA GLN A 413 -29.40 39.71 24.52
C GLN A 413 -28.56 38.43 24.41
N ARG A 414 -29.13 37.32 24.86
CA ARG A 414 -28.47 36.02 24.74
C ARG A 414 -29.34 35.13 23.87
N LEU A 415 -28.86 34.87 22.65
CA LEU A 415 -29.51 33.91 21.77
C LEU A 415 -29.06 32.51 22.17
N ARG A 416 -29.85 31.51 21.75
CA ARG A 416 -29.52 30.12 22.03
C ARG A 416 -30.19 29.27 20.95
N GLY A 417 -30.15 27.95 21.14
CA GLY A 417 -30.77 27.06 20.18
C GLY A 417 -30.00 26.91 18.88
N MET A 418 -28.69 27.05 18.92
CA MET A 418 -27.89 26.85 17.74
C MET A 418 -27.62 25.37 17.51
N ASP A 419 -27.47 25.02 16.25
CA ASP A 419 -26.85 23.77 15.84
C ASP A 419 -25.36 24.02 15.62
N THR A 420 -24.62 22.95 15.42
CA THR A 420 -23.27 23.11 14.84
C THR A 420 -23.44 23.32 13.34
N PHE A 421 -23.17 24.54 12.86
CA PHE A 421 -23.48 24.89 11.48
C PHE A 421 -22.39 24.42 10.51
N ASN A 422 -21.18 24.17 11.00
CA ASN A 422 -20.09 23.64 10.19
C ASN A 422 -19.47 22.49 10.96
N VAL A 423 -19.66 21.28 10.43
CA VAL A 423 -19.29 20.04 11.12
C VAL A 423 -18.05 19.48 10.46
N LEU A 424 -17.10 19.07 11.28
CA LEU A 424 -15.84 18.53 10.79
C LEU A 424 -16.05 17.16 10.17
N ARG A 425 -15.61 17.01 8.92
CA ARG A 425 -15.69 15.73 8.22
C ARG A 425 -14.35 15.00 8.16
N GLY A 426 -13.25 15.69 8.41
CA GLY A 426 -11.96 15.04 8.45
C GLY A 426 -10.85 16.07 8.39
N GLY A 427 -9.64 15.66 8.75
CA GLY A 427 -8.51 16.54 8.62
C GLY A 427 -7.22 15.80 8.86
N GLU A 428 -6.13 16.53 8.63
CA GLU A 428 -4.79 15.99 8.79
C GLU A 428 -3.83 17.12 9.17
N TYR A 429 -2.80 16.76 9.90
CA TYR A 429 -1.66 17.61 10.07
C TYR A 429 -0.60 17.25 9.03
N LEU A 430 -0.12 18.26 8.32
CA LEU A 430 0.76 18.06 7.17
C LEU A 430 1.96 19.00 7.25
N PHE A 431 3.02 18.60 6.57
CA PHE A 431 4.25 19.38 6.43
C PHE A 431 4.35 19.85 4.99
N MET A 432 4.41 21.16 4.80
CA MET A 432 4.52 21.77 3.47
C MET A 432 5.98 22.11 3.23
N PRO A 433 6.75 21.25 2.57
CA PRO A 433 8.21 21.43 2.54
C PRO A 433 8.62 22.45 1.50
N SER A 434 9.84 22.96 1.70
CA SER A 434 10.47 23.79 0.70
C SER A 434 10.64 23.00 -0.59
N LEU A 435 10.94 23.73 -1.67
CA LEU A 435 11.26 23.08 -2.93
C LEU A 435 12.51 22.21 -2.78
N SER A 436 13.52 22.71 -2.06
CA SER A 436 14.72 21.94 -1.81
C SER A 436 14.40 20.66 -1.02
N ALA A 437 13.50 20.77 -0.05
CA ALA A 437 13.14 19.61 0.75
C ALA A 437 12.38 18.58 -0.08
N LEU A 438 11.46 19.03 -0.93
CA LEU A 438 10.77 18.12 -1.83
C LEU A 438 11.76 17.36 -2.69
N LYS A 439 12.76 18.04 -3.25
CA LYS A 439 13.78 17.36 -4.05
C LYS A 439 14.53 16.34 -3.23
N TRP A 440 14.93 16.73 -2.02
CA TRP A 440 15.61 15.81 -1.12
C TRP A 440 14.78 14.57 -0.83
N LEU A 441 13.47 14.77 -0.58
CA LEU A 441 12.60 13.65 -0.29
C LEU A 441 12.50 12.70 -1.47
N SER A 442 12.43 13.25 -2.67
CA SER A 442 12.29 12.43 -3.86
C SER A 442 13.55 11.64 -4.17
N GLU A 443 14.68 11.97 -3.54
CA GLU A 443 15.98 11.34 -3.77
C GLU A 443 16.44 10.46 -2.61
N LEU A 444 15.62 10.28 -1.59
CA LEU A 444 15.94 9.32 -0.54
C LEU A 444 16.08 7.92 -1.14
N LYS A 445 16.92 7.10 -0.49
CA LYS A 445 17.18 5.74 -0.93
C LYS A 445 16.79 4.77 0.17
N HIS B 1 -13.54 -43.01 -8.71
CA HIS B 1 -12.45 -43.20 -7.76
C HIS B 1 -12.31 -44.67 -7.42
N ASN B 2 -11.15 -45.06 -6.86
CA ASN B 2 -10.93 -46.47 -6.56
C ASN B 2 -10.32 -46.70 -5.19
N ASP B 3 -10.41 -45.75 -4.27
CA ASP B 3 -9.85 -45.89 -2.93
C ASP B 3 -10.68 -45.06 -1.95
N LYS B 4 -10.70 -45.48 -0.68
CA LYS B 4 -11.49 -44.79 0.33
C LYS B 4 -11.08 -43.32 0.45
N ILE B 5 -12.08 -42.43 0.39
CA ILE B 5 -11.81 -40.98 0.50
C ILE B 5 -11.94 -40.56 1.97
N ASP B 6 -10.85 -40.00 2.52
CA ASP B 6 -10.80 -39.50 3.90
C ASP B 6 -10.67 -37.99 3.99
N LEU B 7 -10.24 -37.34 2.92
CA LEU B 7 -10.06 -35.90 2.93
C LEU B 7 -11.36 -35.19 2.61
N ASP B 8 -11.53 -34.00 3.22
CA ASP B 8 -12.62 -33.09 2.89
C ASP B 8 -12.32 -32.46 1.53
N LEU B 9 -12.48 -33.22 0.44
CA LEU B 9 -12.09 -32.72 -0.87
C LEU B 9 -12.83 -31.44 -1.27
N ASP B 10 -14.10 -31.28 -0.83
CA ASP B 10 -14.87 -30.11 -1.24
C ASP B 10 -14.40 -28.82 -0.56
N ASP B 11 -13.52 -28.93 0.42
CA ASP B 11 -13.02 -27.77 1.16
C ASP B 11 -11.54 -27.51 0.90
N ILE B 12 -10.82 -28.46 0.32
CA ILE B 12 -9.39 -28.34 0.00
C ILE B 12 -9.24 -27.71 -1.38
N GLN B 13 -8.27 -26.80 -1.53
CA GLN B 13 -8.08 -26.21 -2.84
C GLN B 13 -7.67 -27.26 -3.88
N ALA B 14 -8.17 -27.10 -5.10
CA ALA B 14 -7.90 -28.05 -6.17
C ALA B 14 -6.41 -28.34 -6.34
N THR B 15 -5.55 -27.30 -6.25
CA THR B 15 -4.13 -27.46 -6.61
C THR B 15 -3.41 -28.43 -5.67
N VAL B 16 -3.93 -28.61 -4.45
CA VAL B 16 -3.30 -29.55 -3.52
C VAL B 16 -3.29 -30.97 -4.10
N LEU B 17 -4.34 -31.36 -4.83
CA LEU B 17 -4.47 -32.73 -5.32
C LEU B 17 -4.44 -32.85 -6.84
N ARG B 18 -4.81 -31.81 -7.58
CA ARG B 18 -4.93 -31.96 -9.02
C ARG B 18 -3.57 -31.90 -9.66
N GLU B 19 -3.32 -32.80 -10.61
CA GLU B 19 -2.09 -32.75 -11.37
C GLU B 19 -2.14 -31.63 -12.39
N ARG B 20 -0.96 -31.07 -12.66
CA ARG B 20 -0.84 -30.14 -13.75
C ARG B 20 -1.45 -30.75 -15.01
N PRO B 21 -2.21 -30.00 -15.79
CA PRO B 21 -2.73 -30.54 -17.05
C PRO B 21 -1.63 -30.87 -18.05
N GLU B 22 -1.99 -31.68 -19.05
CA GLU B 22 -1.14 -31.91 -20.21
C GLU B 22 -2.02 -31.79 -21.45
N PRO B 23 -1.71 -30.87 -22.38
CA PRO B 23 -0.73 -29.78 -22.28
C PRO B 23 -1.15 -28.81 -21.19
N TYR B 24 -0.33 -27.80 -20.90
CA TYR B 24 -0.70 -26.82 -19.88
C TYR B 24 -0.37 -25.43 -20.35
N TYR B 25 -1.20 -24.51 -19.87
CA TYR B 25 -1.15 -23.09 -20.09
C TYR B 25 -1.49 -22.44 -18.76
N GLY B 26 -0.92 -21.28 -18.49
CA GLY B 26 -1.31 -20.62 -17.25
C GLY B 26 -0.62 -19.30 -17.01
N THR B 27 -0.90 -18.76 -15.83
CA THR B 27 -0.38 -17.48 -15.40
C THR B 27 -0.10 -17.53 -13.90
N HIS B 28 1.04 -16.98 -13.50
CA HIS B 28 1.31 -16.63 -12.12
C HIS B 28 1.16 -15.13 -11.96
N ALA B 29 0.42 -14.71 -10.94
CA ALA B 29 0.24 -13.30 -10.63
C ALA B 29 0.52 -13.04 -9.16
N MET B 30 1.33 -12.03 -8.91
CA MET B 30 1.69 -11.61 -7.57
C MET B 30 0.97 -10.29 -7.28
N VAL B 31 0.31 -10.26 -6.13
CA VAL B 31 -0.57 -9.16 -5.74
C VAL B 31 -0.19 -8.65 -4.35
N ARG B 32 -0.22 -7.32 -4.18
CA ARG B 32 -0.06 -6.67 -2.88
C ARG B 32 -1.40 -6.11 -2.40
N PHE B 33 -1.70 -6.28 -1.12
CA PHE B 33 -2.88 -5.71 -0.50
C PHE B 33 -2.48 -4.32 -0.01
N ASP B 34 -2.95 -3.28 -0.67
CA ASP B 34 -2.61 -1.93 -0.25
C ASP B 34 -3.37 -1.53 1.01
N THR B 35 -4.58 -2.05 1.18
CA THR B 35 -5.34 -1.92 2.42
C THR B 35 -5.88 -3.29 2.82
N ALA B 36 -6.16 -3.42 4.12
CA ALA B 36 -6.87 -4.59 4.63
C ALA B 36 -8.18 -4.80 3.89
N GLU B 37 -8.94 -3.72 3.73
CA GLU B 37 -10.25 -3.82 3.11
C GLU B 37 -10.14 -4.27 1.66
N GLY B 38 -9.10 -3.82 0.95
CA GLY B 38 -8.93 -4.25 -0.43
C GLY B 38 -8.59 -5.73 -0.52
N GLY B 39 -7.67 -6.19 0.31
CA GLY B 39 -7.33 -7.62 0.32
C GLY B 39 -8.53 -8.51 0.63
N ARG B 40 -9.34 -8.11 1.59
CA ARG B 40 -10.51 -8.93 1.94
C ARG B 40 -11.52 -8.94 0.80
N GLU B 41 -11.73 -7.79 0.14
CA GLU B 41 -12.70 -7.73 -0.95
C GLU B 41 -12.25 -8.57 -2.14
N LEU B 42 -10.96 -8.52 -2.44
CA LEU B 42 -10.44 -9.33 -3.54
C LEU B 42 -10.71 -10.81 -3.29
N LEU B 43 -10.40 -11.28 -2.08
CA LEU B 43 -10.64 -12.67 -1.75
C LEU B 43 -12.12 -13.04 -1.87
N LYS B 44 -13.01 -12.18 -1.37
CA LYS B 44 -14.43 -12.42 -1.49
C LYS B 44 -14.83 -12.49 -2.97
N ARG B 45 -14.28 -11.60 -3.80
CA ARG B 45 -14.61 -11.62 -5.21
C ARG B 45 -14.06 -12.88 -5.91
N LEU B 46 -12.91 -13.39 -5.48
CA LEU B 46 -12.30 -14.53 -6.15
C LEU B 46 -12.86 -15.87 -5.66
N LEU B 47 -13.41 -15.90 -4.46
CA LEU B 47 -13.80 -17.16 -3.83
C LEU B 47 -14.67 -18.05 -4.71
N PRO B 48 -15.71 -17.56 -5.39
CA PRO B 48 -16.49 -18.43 -6.30
C PRO B 48 -15.67 -19.04 -7.42
N HIS B 49 -14.52 -18.48 -7.72
CA HIS B 49 -13.70 -18.90 -8.84
C HIS B 49 -12.53 -19.80 -8.43
N ILE B 50 -12.44 -20.19 -7.17
CA ILE B 50 -11.35 -21.02 -6.67
C ILE B 50 -11.95 -22.39 -6.41
N ALA B 51 -11.64 -23.32 -7.30
CA ALA B 51 -12.22 -24.65 -7.24
C ALA B 51 -11.63 -25.50 -6.11
N SER B 52 -12.42 -26.44 -5.62
CA SER B 52 -11.98 -27.41 -4.64
C SER B 52 -11.36 -28.65 -5.32
N ALA B 53 -10.93 -29.58 -4.48
CA ALA B 53 -10.34 -30.83 -4.91
C ALA B 53 -11.37 -31.95 -5.11
N GLU B 54 -12.65 -31.63 -5.01
CA GLU B 54 -13.70 -32.58 -5.38
C GLU B 54 -13.43 -33.17 -6.76
N LYS B 55 -13.46 -34.50 -6.85
CA LYS B 55 -13.24 -35.22 -8.12
C LYS B 55 -11.99 -34.70 -8.84
N TRP B 56 -10.90 -34.59 -8.07
CA TRP B 56 -9.66 -34.06 -8.62
C TRP B 56 -9.07 -34.94 -9.70
N TRP B 57 -9.48 -36.21 -9.76
CA TRP B 57 -9.04 -37.14 -10.79
C TRP B 57 -9.78 -36.93 -12.11
N ASP B 58 -10.90 -36.21 -12.08
CA ASP B 58 -11.84 -35.97 -13.16
C ASP B 58 -11.40 -34.79 -14.02
N VAL B 59 -12.10 -34.62 -15.14
CA VAL B 59 -11.74 -33.59 -16.12
C VAL B 59 -12.06 -32.20 -15.59
N LYS B 60 -11.08 -31.31 -15.66
CA LYS B 60 -11.35 -29.91 -15.37
C LYS B 60 -10.39 -29.10 -16.23
N TYR B 61 -10.92 -28.15 -16.99
CA TYR B 61 -10.11 -27.49 -18.01
C TYR B 61 -9.27 -26.36 -17.48
N ALA B 62 -9.68 -25.75 -16.38
CA ALA B 62 -8.88 -24.73 -15.72
C ALA B 62 -9.29 -24.54 -14.28
N TRP B 63 -8.30 -24.12 -13.47
CA TRP B 63 -8.56 -23.74 -12.09
C TRP B 63 -7.56 -22.69 -11.64
N THR B 64 -7.94 -22.02 -10.56
CA THR B 64 -7.22 -20.87 -10.03
C THR B 64 -6.90 -21.10 -8.56
N ALA B 65 -5.64 -20.97 -8.23
CA ALA B 65 -5.14 -21.21 -6.89
C ALA B 65 -4.82 -19.89 -6.22
N ALA B 66 -4.92 -19.88 -4.89
CA ALA B 66 -4.62 -18.70 -4.08
C ALA B 66 -3.78 -19.11 -2.87
N ALA B 67 -2.65 -18.44 -2.69
CA ALA B 67 -1.80 -18.69 -1.53
C ALA B 67 -1.31 -17.35 -1.00
N ILE B 68 -1.23 -17.22 0.32
CA ILE B 68 -1.03 -15.93 0.96
C ILE B 68 0.22 -15.97 1.83
N SER B 69 1.01 -14.92 1.77
CA SER B 69 2.22 -14.82 2.56
C SER B 69 1.88 -14.35 3.98
N TYR B 70 2.91 -14.36 4.84
CA TYR B 70 2.72 -13.85 6.19
C TYR B 70 2.35 -12.37 6.16
N GLU B 71 3.07 -11.56 5.37
CA GLU B 71 2.72 -10.14 5.28
C GLU B 71 1.31 -9.97 4.71
N GLY B 72 0.85 -10.92 3.91
CA GLY B 72 -0.50 -10.84 3.38
C GLY B 72 -1.55 -11.13 4.43
N LEU B 73 -1.32 -12.15 5.25
CA LEU B 73 -2.23 -12.43 6.36
C LEU B 73 -2.26 -11.26 7.33
N LYS B 74 -1.08 -10.73 7.67
CA LYS B 74 -0.99 -9.59 8.55
C LYS B 74 -1.82 -8.44 8.02
N LYS B 75 -1.63 -8.12 6.74
CA LYS B 75 -2.31 -6.97 6.13
C LYS B 75 -3.82 -7.17 6.11
N LEU B 76 -4.29 -8.41 5.93
CA LEU B 76 -5.72 -8.69 5.94
C LEU B 76 -6.34 -8.45 7.30
N GLY B 77 -5.54 -8.32 8.35
CA GLY B 77 -6.07 -8.15 9.68
C GLY B 77 -6.21 -9.43 10.46
N VAL B 78 -5.50 -10.48 10.08
CA VAL B 78 -5.51 -11.70 10.88
C VAL B 78 -5.05 -11.38 12.30
N PRO B 79 -5.77 -11.80 13.35
CA PRO B 79 -5.40 -11.41 14.72
C PRO B 79 -4.03 -11.95 15.10
N GLN B 80 -3.36 -11.23 16.01
CA GLN B 80 -2.00 -11.61 16.40
C GLN B 80 -1.93 -13.05 16.89
N ASP B 81 -2.98 -13.49 17.59
CA ASP B 81 -3.01 -14.86 18.09
C ASP B 81 -2.98 -15.85 16.94
N SER B 82 -3.71 -15.58 15.86
CA SER B 82 -3.63 -16.44 14.69
C SER B 82 -2.26 -16.35 14.03
N LEU B 83 -1.71 -15.13 13.88
CA LEU B 83 -0.41 -14.97 13.25
C LEU B 83 0.67 -15.73 13.99
N ASP B 84 0.58 -15.74 15.32
CA ASP B 84 1.60 -16.40 16.13
C ASP B 84 1.55 -17.93 15.97
N SER B 85 0.42 -18.49 15.50
CA SER B 85 0.30 -19.94 15.31
C SER B 85 0.90 -20.44 14.00
N PHE B 86 1.43 -19.57 13.15
CA PHE B 86 2.11 -20.03 11.95
C PHE B 86 3.57 -20.33 12.27
N PRO B 87 4.23 -21.23 11.52
CA PRO B 87 5.63 -21.53 11.80
C PRO B 87 6.53 -20.31 11.65
N GLU B 88 7.64 -20.31 12.41
CA GLU B 88 8.56 -19.18 12.38
C GLU B 88 9.18 -19.02 11.00
N SER B 89 9.51 -20.12 10.32
CA SER B 89 10.03 -20.03 8.97
C SER B 89 9.09 -19.25 8.05
N PHE B 90 7.78 -19.54 8.16
CA PHE B 90 6.77 -18.87 7.35
C PHE B 90 6.73 -17.37 7.66
N LYS B 91 6.78 -17.01 8.94
CA LYS B 91 6.75 -15.61 9.35
C LYS B 91 7.96 -14.84 8.85
N VAL B 92 9.16 -15.43 8.97
CA VAL B 92 10.38 -14.80 8.51
C VAL B 92 10.37 -14.63 6.99
N GLY B 93 9.78 -15.60 6.28
CA GLY B 93 9.70 -15.59 4.83
C GLY B 93 10.92 -16.22 4.17
N MET B 94 10.76 -16.56 2.89
CA MET B 94 11.78 -17.35 2.20
C MET B 94 13.14 -16.63 2.19
N ALA B 95 13.18 -15.37 1.75
CA ALA B 95 14.45 -14.63 1.70
C ALA B 95 15.10 -14.59 3.07
N GLY B 96 14.30 -14.36 4.11
CA GLY B 96 14.82 -14.34 5.48
C GLY B 96 15.40 -15.66 5.95
N ARG B 97 14.99 -16.77 5.34
CA ARG B 97 15.48 -18.10 5.66
C ARG B 97 16.56 -18.57 4.68
N ALA B 98 17.22 -17.65 3.99
CA ALA B 98 18.18 -18.01 2.96
C ALA B 98 19.26 -18.94 3.49
N GLU B 99 19.70 -18.73 4.73
CA GLU B 99 20.75 -19.60 5.27
C GLU B 99 20.28 -21.04 5.43
N HIS B 100 18.99 -21.26 5.73
CA HIS B 100 18.45 -22.61 5.85
C HIS B 100 18.19 -23.26 4.50
N LEU B 101 18.15 -22.46 3.44
CA LEU B 101 17.94 -22.90 2.08
C LEU B 101 19.24 -22.99 1.31
N PHE B 102 20.35 -22.52 1.88
CA PHE B 102 21.60 -22.34 1.16
C PHE B 102 21.39 -21.51 -0.10
N ASP B 103 20.54 -20.48 0.01
CA ASP B 103 20.28 -19.53 -1.07
C ASP B 103 21.34 -18.46 -0.92
N VAL B 104 22.54 -18.80 -1.40
CA VAL B 104 23.73 -17.97 -1.28
C VAL B 104 24.29 -17.79 -2.68
N GLY B 105 25.25 -16.89 -2.78
CA GLY B 105 25.94 -16.73 -4.04
C GLY B 105 24.99 -16.30 -5.14
N GLU B 106 24.99 -17.05 -6.23
CA GLU B 106 24.11 -16.72 -7.35
C GLU B 106 22.64 -16.67 -6.97
N ASN B 107 22.25 -17.42 -5.93
CA ASN B 107 20.88 -17.49 -5.43
C ASN B 107 20.60 -16.55 -4.26
N ASP B 108 21.55 -15.69 -3.90
CA ASP B 108 21.36 -14.81 -2.74
C ASP B 108 20.17 -13.87 -2.97
N PRO B 109 19.31 -13.69 -1.96
CA PRO B 109 18.15 -12.81 -2.14
C PRO B 109 18.48 -11.39 -2.52
N LYS B 110 19.72 -10.96 -2.29
CA LYS B 110 20.14 -9.61 -2.67
C LYS B 110 19.89 -9.36 -4.14
N HIS B 111 20.00 -10.38 -4.98
CA HIS B 111 19.93 -10.24 -6.44
C HIS B 111 18.62 -10.74 -7.00
N TRP B 112 17.66 -11.06 -6.15
CA TRP B 112 16.39 -11.56 -6.64
C TRP B 112 15.65 -10.48 -7.43
N GLU B 113 14.81 -10.95 -8.33
CA GLU B 113 13.89 -10.13 -9.09
C GLU B 113 12.79 -9.55 -8.20
N LYS B 114 12.54 -8.24 -8.29
CA LYS B 114 11.35 -7.71 -7.67
C LYS B 114 10.12 -8.41 -8.28
N PRO B 115 9.05 -8.63 -7.51
CA PRO B 115 8.79 -8.24 -6.13
C PRO B 115 9.20 -9.24 -5.06
N PHE B 116 10.01 -10.25 -5.37
CA PHE B 116 10.26 -11.35 -4.44
C PHE B 116 11.22 -10.94 -3.33
N GLY B 117 10.95 -11.45 -2.12
CA GLY B 117 11.83 -11.29 -0.99
C GLY B 117 11.69 -9.99 -0.25
N THR B 118 10.81 -9.10 -0.69
CA THR B 118 10.64 -7.79 -0.08
C THR B 118 9.46 -7.70 0.87
N GLY B 119 8.66 -8.76 1.01
CA GLY B 119 7.42 -8.67 1.76
C GLY B 119 6.26 -8.04 1.03
N GLN B 120 6.45 -7.55 -0.19
CA GLN B 120 5.36 -6.96 -0.95
C GLN B 120 4.44 -7.99 -1.57
N VAL B 121 4.90 -9.21 -1.78
CA VAL B 121 4.01 -10.26 -2.28
C VAL B 121 3.11 -10.68 -1.13
N HIS B 122 1.82 -10.40 -1.26
CA HIS B 122 0.82 -10.80 -0.27
C HIS B 122 0.01 -12.00 -0.71
N LEU B 123 -0.34 -12.05 -1.99
CA LEU B 123 -1.16 -13.09 -2.58
C LEU B 123 -0.51 -13.54 -3.89
N ALA B 124 -0.33 -14.85 -4.03
CA ALA B 124 0.03 -15.44 -5.30
C ALA B 124 -1.19 -16.14 -5.91
N LEU B 125 -1.53 -15.77 -7.13
CA LEU B 125 -2.61 -16.36 -7.88
C LEU B 125 -1.99 -17.17 -9.00
N THR B 126 -2.42 -18.41 -9.14
CA THR B 126 -1.96 -19.24 -10.22
C THR B 126 -3.16 -19.80 -10.96
N ILE B 127 -3.18 -19.58 -12.27
CA ILE B 127 -4.15 -20.18 -13.17
C ILE B 127 -3.47 -21.35 -13.88
N PHE B 128 -4.06 -22.54 -13.73
CA PHE B 128 -3.69 -23.72 -14.51
C PHE B 128 -4.79 -23.98 -15.53
N ALA B 129 -4.40 -24.32 -16.76
CA ALA B 129 -5.39 -24.62 -17.79
C ALA B 129 -4.86 -25.65 -18.76
N GLU B 130 -5.79 -26.47 -19.28
CA GLU B 130 -5.47 -27.50 -20.26
C GLU B 130 -5.49 -27.01 -21.70
N ASN B 131 -6.14 -25.88 -21.96
CA ASN B 131 -6.20 -25.35 -23.31
C ASN B 131 -6.25 -23.83 -23.22
N GLU B 132 -5.98 -23.19 -24.36
CA GLU B 132 -5.83 -21.75 -24.38
C GLU B 132 -7.13 -21.03 -24.01
N GLU B 133 -8.27 -21.54 -24.48
CA GLU B 133 -9.50 -20.78 -24.30
C GLU B 133 -9.96 -20.83 -22.84
N ASN B 134 -9.70 -21.94 -22.13
CA ASN B 134 -10.05 -21.94 -20.71
C ASN B 134 -9.04 -21.19 -19.87
N TRP B 135 -7.77 -21.15 -20.29
CA TRP B 135 -6.80 -20.23 -19.70
C TRP B 135 -7.30 -18.80 -19.79
N GLN B 136 -7.73 -18.38 -20.97
CA GLN B 136 -8.15 -17.00 -21.18
C GLN B 136 -9.43 -16.68 -20.40
N LYS B 137 -10.38 -17.62 -20.34
CA LYS B 137 -11.56 -17.42 -19.50
C LYS B 137 -11.18 -17.17 -18.05
N ALA B 138 -10.26 -18.00 -17.51
CA ALA B 138 -9.89 -17.83 -16.11
C ALA B 138 -9.15 -16.52 -15.90
N LEU B 139 -8.33 -16.13 -16.86
CA LEU B 139 -7.57 -14.91 -16.74
C LEU B 139 -8.47 -13.69 -16.81
N VAL B 140 -9.42 -13.71 -17.75
CA VAL B 140 -10.39 -12.62 -17.88
C VAL B 140 -11.12 -12.40 -16.56
N ILE B 141 -11.67 -13.46 -15.99
CA ILE B 141 -12.36 -13.40 -14.69
C ILE B 141 -11.45 -12.79 -13.62
N ALA B 142 -10.23 -13.30 -13.49
CA ALA B 142 -9.34 -12.84 -12.42
C ALA B 142 -8.97 -11.37 -12.61
N GLU B 143 -8.64 -10.98 -13.84
CA GLU B 143 -8.27 -9.59 -14.07
C GLU B 143 -9.46 -8.68 -13.84
N HIS B 144 -10.67 -9.13 -14.13
CA HIS B 144 -11.86 -8.31 -13.85
C HIS B 144 -11.99 -8.03 -12.37
N GLU B 145 -11.92 -9.08 -11.55
CA GLU B 145 -12.07 -8.92 -10.10
C GLU B 145 -10.92 -8.11 -9.52
N LEU B 146 -9.70 -8.26 -10.07
CA LEU B 146 -8.59 -7.41 -9.64
C LEU B 146 -8.85 -5.96 -9.99
N GLY B 147 -9.28 -5.72 -11.23
CA GLY B 147 -9.53 -4.34 -11.67
C GLY B 147 -10.62 -3.67 -10.87
N ALA B 148 -11.66 -4.42 -10.50
CA ALA B 148 -12.80 -3.89 -9.77
C ALA B 148 -12.52 -3.63 -8.29
N THR B 149 -11.35 -4.03 -7.78
CA THR B 149 -11.09 -3.98 -6.34
C THR B 149 -10.19 -2.79 -6.02
N LYS B 150 -10.71 -1.83 -5.26
CA LYS B 150 -9.85 -0.76 -4.76
C LYS B 150 -8.98 -1.30 -3.61
N GLY B 151 -7.73 -0.87 -3.57
CA GLY B 151 -6.85 -1.24 -2.47
C GLY B 151 -5.99 -2.47 -2.68
N VAL B 152 -5.88 -2.99 -3.91
CA VAL B 152 -4.91 -4.02 -4.23
C VAL B 152 -4.15 -3.59 -5.47
N THR B 153 -2.94 -4.11 -5.63
CA THR B 153 -2.08 -3.80 -6.76
C THR B 153 -1.49 -5.07 -7.35
N LEU B 154 -1.62 -5.24 -8.66
CA LEU B 154 -0.96 -6.33 -9.37
C LEU B 154 0.51 -5.98 -9.52
N LEU B 155 1.38 -6.77 -8.88
CA LEU B 155 2.80 -6.48 -8.92
C LEU B 155 3.50 -7.05 -10.14
N MET B 156 3.08 -8.24 -10.57
CA MET B 156 3.83 -9.02 -11.54
C MET B 156 2.84 -10.05 -12.09
N ARG B 157 2.90 -10.25 -13.39
CA ARG B 157 2.20 -11.34 -14.05
C ARG B 157 3.18 -12.00 -15.00
N GLU B 158 3.24 -13.33 -14.98
CA GLU B 158 4.06 -14.07 -15.93
C GLU B 158 3.32 -15.29 -16.39
N ASP B 159 3.21 -15.43 -17.70
CA ASP B 159 2.52 -16.56 -18.29
C ASP B 159 3.47 -17.75 -18.39
N PHE B 160 2.90 -18.94 -18.40
CA PHE B 160 3.71 -20.15 -18.46
C PHE B 160 3.04 -21.18 -19.35
N GLY B 161 3.77 -22.25 -19.59
CA GLY B 161 3.28 -23.36 -20.41
C GLY B 161 3.50 -23.13 -21.90
N ALA B 162 2.64 -23.78 -22.69
CA ALA B 162 2.69 -23.74 -24.15
C ALA B 162 4.00 -24.26 -24.71
N GLN B 163 4.68 -25.13 -23.95
CA GLN B 163 5.96 -25.64 -24.43
C GLN B 163 5.73 -26.82 -25.36
N PRO B 164 6.54 -26.97 -26.40
CA PRO B 164 6.45 -28.17 -27.24
C PRO B 164 6.55 -29.44 -26.40
N ASP B 165 5.57 -30.33 -26.59
CA ASP B 165 5.45 -31.60 -25.88
C ASP B 165 5.47 -31.43 -24.35
N SER B 166 5.06 -30.25 -23.88
CA SER B 166 4.98 -29.95 -22.45
C SER B 166 6.34 -30.11 -21.75
N ARG B 167 7.45 -30.01 -22.49
CA ARG B 167 8.77 -30.17 -21.92
C ARG B 167 9.18 -28.92 -21.14
N ASN B 168 10.05 -29.10 -20.17
CA ASN B 168 10.48 -27.96 -19.38
C ASN B 168 11.60 -27.19 -20.09
N SER B 169 12.25 -26.27 -19.35
CA SER B 169 13.18 -25.30 -19.91
C SER B 169 14.53 -25.90 -20.27
N LEU B 170 14.77 -27.17 -19.91
CA LEU B 170 15.91 -27.95 -20.39
C LEU B 170 15.46 -29.14 -21.25
N GLY B 171 14.23 -29.13 -21.74
CA GLY B 171 13.76 -30.14 -22.66
C GLY B 171 13.30 -31.45 -22.05
N TYR B 172 13.15 -31.54 -20.75
CA TYR B 172 12.73 -32.77 -20.10
C TYR B 172 11.21 -32.79 -19.93
N LYS B 173 10.61 -33.96 -20.19
CA LYS B 173 9.27 -34.25 -19.63
C LYS B 173 9.32 -34.20 -18.11
N ASP B 174 8.36 -33.54 -17.48
CA ASP B 174 8.36 -33.45 -16.01
C ASP B 174 6.92 -33.58 -15.50
N GLY B 175 6.73 -33.33 -14.21
CA GLY B 175 5.43 -33.63 -13.64
C GLY B 175 5.11 -35.12 -13.61
N ILE B 176 6.14 -35.97 -13.55
CA ILE B 176 5.94 -37.42 -13.60
C ILE B 176 5.71 -37.99 -12.20
N SER B 177 6.64 -37.77 -11.29
CA SER B 177 6.61 -38.44 -10.00
C SER B 177 6.20 -37.50 -8.88
N ASN B 178 5.06 -37.77 -8.27
CA ASN B 178 4.58 -37.04 -7.10
C ASN B 178 4.04 -38.05 -6.09
N PRO B 179 4.04 -37.70 -4.82
CA PRO B 179 3.54 -38.63 -3.79
C PRO B 179 2.07 -38.95 -3.96
N ALA B 180 1.75 -40.19 -3.65
CA ALA B 180 0.38 -40.61 -3.44
C ALA B 180 -0.01 -40.32 -1.99
N ILE B 181 -1.27 -39.95 -1.79
CA ILE B 181 -1.78 -39.52 -0.49
C ILE B 181 -2.90 -40.49 -0.08
N GLU B 182 -2.73 -41.15 1.05
CA GLU B 182 -3.75 -42.04 1.58
C GLU B 182 -4.97 -41.25 1.99
N GLY B 183 -6.13 -41.62 1.43
CA GLY B 183 -7.35 -40.88 1.64
C GLY B 183 -7.75 -39.92 0.52
N SER B 184 -6.92 -39.81 -0.53
CA SER B 184 -7.26 -38.97 -1.65
C SER B 184 -8.36 -39.55 -2.52
N GLY B 185 -8.57 -40.87 -2.47
CA GLY B 185 -9.53 -41.53 -3.30
C GLY B 185 -8.95 -42.28 -4.47
N ILE B 186 -7.65 -42.15 -4.74
CA ILE B 186 -7.03 -42.74 -5.92
C ILE B 186 -5.81 -43.52 -5.46
N LYS B 187 -5.78 -44.81 -5.80
CA LYS B 187 -4.65 -45.65 -5.43
C LYS B 187 -3.40 -45.22 -6.23
N PRO B 188 -2.22 -45.44 -5.68
CA PRO B 188 -0.99 -45.06 -6.41
C PRO B 188 -0.85 -45.73 -7.78
N PHE B 189 -0.26 -45.00 -8.74
CA PHE B 189 0.29 -45.63 -9.95
C PHE B 189 1.40 -46.62 -9.56
N PRO B 190 1.74 -47.56 -10.44
CA PRO B 190 2.86 -48.46 -10.13
C PRO B 190 4.15 -47.68 -9.88
N GLY B 191 4.76 -47.95 -8.73
CA GLY B 191 5.98 -47.27 -8.35
C GLY B 191 5.78 -45.96 -7.63
N GLN B 192 4.55 -45.42 -7.63
CA GLN B 192 4.29 -44.15 -6.97
C GLN B 192 4.16 -44.31 -5.48
N GLY B 193 3.75 -45.50 -5.00
CA GLY B 193 3.54 -45.72 -3.59
C GLY B 193 4.86 -45.59 -2.85
N PRO B 194 4.80 -45.69 -1.50
CA PRO B 194 3.63 -45.99 -0.68
C PRO B 194 2.74 -44.76 -0.56
N ALA B 195 1.43 -44.90 -0.44
CA ALA B 195 0.60 -43.74 -0.15
C ALA B 195 0.99 -43.16 1.20
N ILE B 196 1.16 -41.84 1.25
CA ILE B 196 1.64 -41.15 2.43
C ILE B 196 0.43 -40.74 3.26
N LYS B 197 0.59 -40.74 4.58
CA LYS B 197 -0.53 -40.38 5.44
C LYS B 197 -0.96 -38.93 5.16
N PRO B 198 -2.26 -38.63 5.22
CA PRO B 198 -2.73 -37.35 4.65
C PRO B 198 -2.19 -36.12 5.32
N GLY B 199 -1.90 -36.17 6.63
CA GLY B 199 -1.44 -35.00 7.36
C GLY B 199 -0.05 -34.51 6.98
N GLU B 200 0.72 -35.30 6.23
CA GLU B 200 1.95 -34.77 5.69
C GLU B 200 1.70 -33.69 4.65
N PHE B 201 0.48 -33.66 4.08
CA PHE B 201 0.16 -32.76 3.00
C PHE B 201 -1.02 -31.84 3.27
N VAL B 202 -1.94 -32.19 4.16
CA VAL B 202 -3.10 -31.37 4.41
C VAL B 202 -3.25 -31.21 5.91
N LEU B 203 -3.35 -29.97 6.37
CA LEU B 203 -3.42 -29.71 7.80
C LEU B 203 -4.77 -30.15 8.35
N GLY B 204 -4.77 -30.64 9.57
CA GLY B 204 -5.97 -31.13 10.22
C GLY B 204 -6.14 -32.64 10.14
N TYR B 205 -5.18 -33.35 9.58
CA TYR B 205 -5.23 -34.80 9.38
C TYR B 205 -3.99 -35.47 9.97
N PRO B 206 -4.07 -36.75 10.30
CA PRO B 206 -2.90 -37.41 10.88
C PRO B 206 -1.84 -37.65 9.84
N GLY B 207 -0.61 -37.37 10.24
CA GLY B 207 0.55 -37.66 9.43
C GLY B 207 1.11 -39.05 9.69
N GLU B 208 2.36 -39.22 9.24
CA GLU B 208 3.00 -40.54 9.31
C GLU B 208 3.15 -41.01 10.74
N ALA B 209 3.27 -40.08 11.67
CA ALA B 209 3.39 -40.45 13.08
C ALA B 209 2.04 -40.66 13.77
N GLY B 210 0.95 -40.67 13.01
CA GLY B 210 -0.34 -40.99 13.59
C GLY B 210 -1.08 -39.83 14.19
N VAL B 211 -0.47 -38.65 14.20
CA VAL B 211 -1.08 -37.46 14.79
C VAL B 211 -0.95 -36.29 13.80
N PRO B 212 -1.81 -35.29 13.92
CA PRO B 212 -1.67 -34.12 13.04
C PRO B 212 -0.48 -33.28 13.42
N LEU B 213 0.17 -32.74 12.39
CA LEU B 213 1.19 -31.72 12.60
C LEU B 213 0.56 -30.49 13.21
N GLY B 214 1.38 -29.61 13.77
CA GLY B 214 0.86 -28.34 14.25
C GLY B 214 0.29 -27.53 13.09
N MET B 215 -0.78 -26.79 13.37
CA MET B 215 -1.44 -26.03 12.32
CA MET B 215 -1.52 -26.06 12.34
C MET B 215 -1.90 -24.69 12.84
N PRO B 216 -2.26 -23.77 11.95
CA PRO B 216 -2.77 -22.47 12.38
C PRO B 216 -4.08 -22.61 13.13
N LYS B 217 -4.33 -21.64 14.00
CA LYS B 217 -5.59 -21.51 14.70
C LYS B 217 -6.24 -20.18 14.35
N PRO B 218 -7.58 -20.09 14.41
CA PRO B 218 -8.54 -21.14 14.79
C PRO B 218 -8.65 -22.24 13.74
N GLU B 219 -9.41 -23.28 14.08
CA GLU B 219 -9.53 -24.44 13.20
C GLU B 219 -10.01 -24.03 11.82
N VAL B 220 -10.92 -23.07 11.72
CA VAL B 220 -11.42 -22.69 10.40
C VAL B 220 -10.32 -22.07 9.55
N LEU B 221 -9.30 -21.47 10.17
CA LEU B 221 -8.18 -20.92 9.41
C LEU B 221 -7.21 -22.02 9.00
N GLY B 222 -6.94 -22.98 9.90
CA GLY B 222 -5.92 -24.00 9.64
C GLY B 222 -6.37 -25.28 8.94
N LYS B 223 -7.55 -25.80 9.26
CA LYS B 223 -7.94 -27.10 8.73
C LYS B 223 -8.10 -27.05 7.20
N ASN B 224 -7.67 -28.11 6.53
CA ASN B 224 -7.81 -28.28 5.10
C ASN B 224 -6.95 -27.30 4.29
N GLY B 225 -6.01 -26.59 4.94
CA GLY B 225 -5.01 -25.81 4.26
C GLY B 225 -3.69 -26.56 4.16
N THR B 226 -2.71 -25.90 3.53
CA THR B 226 -1.37 -26.46 3.43
C THR B 226 -0.41 -25.32 3.15
N PHE B 227 0.90 -25.62 3.17
CA PHE B 227 1.93 -24.62 2.91
C PHE B 227 2.56 -24.84 1.55
N VAL B 228 3.12 -23.76 1.04
CA VAL B 228 3.66 -23.66 -0.32
C VAL B 228 5.01 -22.98 -0.22
N ALA B 229 5.99 -23.56 -0.85
CA ALA B 229 7.22 -22.85 -1.20
C ALA B 229 7.15 -22.61 -2.71
N LEU B 230 7.04 -21.34 -3.08
CA LEU B 230 7.04 -20.91 -4.47
C LEU B 230 8.45 -20.43 -4.81
N ARG B 231 9.04 -20.98 -5.87
CA ARG B 231 10.39 -20.60 -6.28
C ARG B 231 10.44 -20.43 -7.80
N LYS B 232 10.96 -19.31 -8.25
CA LYS B 232 11.16 -19.02 -9.66
C LYS B 232 12.64 -19.18 -10.00
N TYR B 233 12.90 -19.90 -11.06
CA TYR B 233 14.26 -20.14 -11.57
C TYR B 233 14.39 -19.59 -12.98
N HIS B 234 15.58 -19.10 -13.27
CA HIS B 234 16.04 -18.83 -14.62
C HIS B 234 16.92 -19.99 -15.07
N THR B 235 16.72 -20.49 -16.28
CA THR B 235 17.49 -21.61 -16.82
C THR B 235 18.57 -21.13 -17.79
N ASN B 236 19.82 -21.60 -17.58
CA ASN B 236 20.95 -21.29 -18.47
C ASN B 236 21.11 -22.45 -19.45
N ALA B 237 20.26 -22.45 -20.48
CA ALA B 237 20.22 -23.60 -21.39
C ALA B 237 21.42 -23.63 -22.33
N GLY B 238 21.96 -22.47 -22.71
CA GLY B 238 23.16 -22.45 -23.53
C GLY B 238 24.31 -23.16 -22.85
N SER B 239 24.55 -22.81 -21.58
CA SER B 239 25.64 -23.45 -20.84
C SER B 239 25.38 -24.92 -20.60
N PHE B 240 24.12 -25.31 -20.35
CA PHE B 240 23.78 -26.73 -20.22
C PHE B 240 24.10 -27.48 -21.50
N ASN B 241 23.68 -26.94 -22.66
CA ASN B 241 23.93 -27.58 -23.94
C ASN B 241 25.43 -27.71 -24.21
N ARG B 242 26.18 -26.65 -23.90
CA ARG B 242 27.64 -26.71 -24.06
C ARG B 242 28.22 -27.77 -23.13
N TYR B 243 27.70 -27.86 -21.92
CA TYR B 243 28.20 -28.87 -20.99
C TYR B 243 27.99 -30.28 -21.52
N LEU B 244 26.78 -30.58 -22.00
CA LEU B 244 26.51 -31.90 -22.58
C LEU B 244 27.43 -32.20 -23.76
N LYS B 245 27.57 -31.24 -24.68
CA LYS B 245 28.44 -31.46 -25.83
C LYS B 245 29.87 -31.78 -25.41
N GLU B 246 30.38 -31.04 -24.44
CA GLU B 246 31.76 -31.19 -24.03
C GLU B 246 32.02 -32.40 -23.14
N ASN B 247 31.00 -33.11 -22.69
CA ASN B 247 31.24 -34.28 -21.84
C ASN B 247 30.56 -35.55 -22.33
N ALA B 248 30.01 -35.53 -23.54
CA ALA B 248 29.31 -36.70 -24.04
C ALA B 248 30.25 -37.86 -24.36
N GLU B 249 31.56 -37.62 -24.45
CA GLU B 249 32.48 -38.73 -24.66
C GLU B 249 32.36 -39.74 -23.52
N TYR B 250 31.90 -39.30 -22.34
CA TYR B 250 31.76 -40.19 -21.18
C TYR B 250 30.49 -41.01 -21.22
N THR B 251 29.62 -40.76 -22.20
CA THR B 251 28.41 -41.53 -22.39
C THR B 251 28.31 -41.93 -23.85
N GLY B 252 29.40 -42.53 -24.34
CA GLY B 252 29.45 -43.08 -25.68
C GLY B 252 29.28 -42.04 -26.75
N GLY B 253 29.64 -40.79 -26.46
CA GLY B 253 29.42 -39.71 -27.39
C GLY B 253 27.98 -39.28 -27.53
N ASP B 254 27.06 -39.86 -26.73
CA ASP B 254 25.63 -39.56 -26.78
C ASP B 254 25.32 -38.50 -25.71
N ALA B 255 25.12 -37.25 -26.16
CA ALA B 255 24.76 -36.16 -25.26
C ALA B 255 23.40 -36.39 -24.61
N GLU B 256 22.47 -37.10 -25.29
CA GLU B 256 21.17 -37.36 -24.69
C GLU B 256 21.29 -38.38 -23.57
N LEU B 257 22.22 -39.32 -23.68
CA LEU B 257 22.46 -40.23 -22.57
C LEU B 257 23.05 -39.49 -21.38
N LEU B 258 23.93 -38.51 -21.60
CA LEU B 258 24.45 -37.74 -20.47
C LEU B 258 23.34 -36.91 -19.82
N ALA B 259 22.49 -36.26 -20.62
CA ALA B 259 21.32 -35.57 -20.06
C ALA B 259 20.48 -36.51 -19.22
N ALA B 260 20.33 -37.76 -19.65
CA ALA B 260 19.57 -38.74 -18.89
C ALA B 260 20.27 -39.06 -17.57
N LYS B 261 21.60 -39.09 -17.60
CA LYS B 261 22.35 -39.46 -16.39
C LYS B 261 22.28 -38.36 -15.35
N LEU B 262 22.22 -37.10 -15.78
CA LEU B 262 22.22 -36.00 -14.82
C LEU B 262 20.90 -35.93 -14.05
N VAL B 263 19.77 -36.15 -14.74
CA VAL B 263 18.48 -36.10 -14.08
C VAL B 263 18.07 -37.46 -13.52
N GLY B 264 18.43 -38.55 -14.21
CA GLY B 264 17.95 -39.89 -13.92
C GLY B 264 16.95 -40.40 -14.93
N ARG B 265 16.42 -39.52 -15.78
CA ARG B 265 15.50 -39.86 -16.84
C ARG B 265 15.98 -39.26 -18.15
N TRP B 266 15.82 -40.00 -19.24
CA TRP B 266 15.86 -39.40 -20.56
C TRP B 266 14.91 -38.23 -20.63
N ARG B 267 15.13 -37.30 -21.58
CA ARG B 267 14.22 -36.17 -21.73
C ARG B 267 12.82 -36.59 -22.12
N SER B 268 12.67 -37.78 -22.71
CA SER B 268 11.34 -38.32 -23.00
C SER B 268 10.55 -38.67 -21.74
N GLY B 269 11.21 -38.75 -20.59
CA GLY B 269 10.60 -39.20 -19.37
C GLY B 269 10.95 -40.63 -18.98
N ALA B 270 11.57 -41.41 -19.85
CA ALA B 270 11.88 -42.79 -19.48
C ALA B 270 12.99 -42.79 -18.42
N PRO B 271 12.80 -43.47 -17.29
CA PRO B 271 13.88 -43.54 -16.29
C PRO B 271 14.92 -44.53 -16.74
N LEU B 272 16.17 -44.25 -16.40
CA LEU B 272 17.26 -45.13 -16.81
C LEU B 272 17.14 -46.53 -16.22
N THR B 273 16.44 -46.67 -15.08
CA THR B 273 16.23 -47.99 -14.50
C THR B 273 15.43 -48.91 -15.41
N LEU B 274 14.59 -48.35 -16.28
CA LEU B 274 13.77 -49.13 -17.20
C LEU B 274 14.19 -48.95 -18.65
N ALA B 275 15.20 -48.12 -18.90
CA ALA B 275 15.68 -47.82 -20.25
C ALA B 275 17.15 -47.47 -20.14
N PRO B 276 17.99 -48.43 -19.75
CA PRO B 276 19.35 -48.10 -19.33
C PRO B 276 20.31 -47.80 -20.46
N LYS B 277 20.05 -48.25 -21.68
CA LYS B 277 20.99 -48.05 -22.78
C LYS B 277 20.43 -47.24 -23.93
N GLU B 278 19.14 -47.33 -24.23
CA GLU B 278 18.54 -46.49 -25.24
C GLU B 278 17.22 -45.92 -24.74
N ASP B 279 16.85 -44.78 -25.30
CA ASP B 279 15.65 -44.08 -24.91
C ASP B 279 14.44 -44.95 -25.23
N ASP B 280 13.35 -44.73 -24.50
CA ASP B 280 12.10 -45.44 -24.72
C ASP B 280 10.99 -44.42 -24.52
N PRO B 281 10.78 -43.55 -25.50
CA PRO B 281 9.79 -42.48 -25.29
C PRO B 281 8.39 -42.98 -24.99
N GLU B 282 7.95 -44.07 -25.63
CA GLU B 282 6.63 -44.61 -25.32
C GLU B 282 6.49 -44.90 -23.83
N LEU B 283 7.51 -45.55 -23.26
CA LEU B 283 7.50 -45.84 -21.84
C LEU B 283 7.48 -44.56 -21.02
N GLY B 284 8.23 -43.56 -21.48
CA GLY B 284 8.36 -42.33 -20.71
C GLY B 284 7.07 -41.56 -20.57
N HIS B 285 6.19 -41.65 -21.57
CA HIS B 285 4.95 -40.88 -21.55
C HIS B 285 3.80 -41.68 -20.96
N ASP B 286 4.05 -42.89 -20.47
CA ASP B 286 3.00 -43.77 -19.98
C ASP B 286 3.04 -43.79 -18.45
N PRO B 287 2.08 -43.16 -17.77
CA PRO B 287 2.16 -43.07 -16.31
C PRO B 287 2.04 -44.41 -15.62
N ASN B 288 1.55 -45.44 -16.30
CA ASN B 288 1.46 -46.76 -15.68
C ASN B 288 2.75 -47.54 -15.76
N ARG B 289 3.75 -47.06 -16.48
CA ARG B 289 5.04 -47.71 -16.56
C ARG B 289 6.21 -46.82 -16.15
N ASN B 290 6.10 -45.50 -16.31
CA ASN B 290 7.29 -44.66 -16.27
C ASN B 290 7.79 -44.37 -14.86
N ASN B 291 7.08 -44.84 -13.84
CA ASN B 291 7.51 -44.64 -12.46
C ASN B 291 7.68 -45.95 -11.71
N ASP B 292 7.54 -47.09 -12.39
CA ASP B 292 7.47 -48.41 -11.76
C ASP B 292 8.88 -48.98 -11.50
N PHE B 293 9.60 -48.32 -10.60
CA PHE B 293 10.93 -48.76 -10.20
C PHE B 293 11.22 -48.26 -8.79
N THR B 294 12.20 -48.91 -8.11
CA THR B 294 12.59 -48.50 -6.75
C THR B 294 14.09 -48.39 -6.49
N TYR B 295 14.94 -48.70 -7.46
CA TYR B 295 16.41 -48.71 -7.33
C TYR B 295 16.90 -49.96 -6.60
N LYS B 296 16.01 -50.87 -6.18
CA LYS B 296 16.48 -52.11 -5.56
C LYS B 296 17.42 -52.86 -6.48
N ASN B 297 17.20 -52.80 -7.79
CA ASN B 297 18.04 -53.47 -8.77
C ASN B 297 19.17 -52.60 -9.30
N ASP B 298 19.53 -51.52 -8.60
CA ASP B 298 20.58 -50.61 -9.09
C ASP B 298 21.26 -49.92 -7.91
N PRO B 299 21.80 -50.70 -6.96
CA PRO B 299 22.39 -50.09 -5.74
C PRO B 299 23.64 -49.27 -5.98
N GLU B 300 24.30 -49.40 -7.13
CA GLU B 300 25.56 -48.73 -7.41
C GLU B 300 25.40 -47.50 -8.30
N GLY B 301 24.21 -47.27 -8.85
CA GLY B 301 24.03 -46.14 -9.71
C GLY B 301 24.47 -46.34 -11.14
N LEU B 302 24.79 -47.57 -11.54
CA LEU B 302 25.17 -47.82 -12.92
C LEU B 302 24.05 -47.47 -13.89
N GLU B 303 22.80 -47.43 -13.44
CA GLU B 303 21.72 -46.93 -14.30
C GLU B 303 21.42 -45.49 -13.91
N VAL B 304 20.85 -45.28 -12.73
CA VAL B 304 20.51 -43.94 -12.24
C VAL B 304 21.59 -43.55 -11.24
N PRO B 305 22.50 -42.62 -11.56
CA PRO B 305 23.52 -42.22 -10.58
C PRO B 305 22.91 -41.79 -9.25
N LEU B 306 23.63 -42.09 -8.17
CA LEU B 306 23.13 -41.78 -6.83
C LEU B 306 22.96 -40.29 -6.62
N GLY B 307 23.75 -39.46 -7.30
CA GLY B 307 23.62 -38.01 -7.22
C GLY B 307 22.87 -37.40 -8.38
N SER B 308 22.23 -38.21 -9.22
CA SER B 308 21.35 -37.61 -10.21
C SER B 308 20.19 -36.93 -9.50
N HIS B 309 19.51 -36.05 -10.23
CA HIS B 309 18.48 -35.23 -9.62
C HIS B 309 17.38 -36.07 -8.96
N ILE B 310 16.77 -37.00 -9.70
CA ILE B 310 15.58 -37.64 -9.14
C ILE B 310 15.96 -38.53 -7.96
N ARG B 311 17.15 -39.14 -7.99
CA ARG B 311 17.54 -40.07 -6.93
C ARG B 311 17.92 -39.31 -5.65
N ARG B 312 18.45 -38.10 -5.79
CA ARG B 312 18.61 -37.21 -4.65
C ARG B 312 17.29 -36.83 -4.03
N MET B 313 16.32 -36.45 -4.87
CA MET B 313 15.09 -35.84 -4.37
C MET B 313 14.16 -36.89 -3.79
N ASN B 314 14.14 -38.07 -4.41
CA ASN B 314 13.37 -39.22 -3.90
C ASN B 314 14.25 -40.45 -3.99
N PRO B 315 14.99 -40.76 -2.92
CA PRO B 315 15.90 -41.92 -2.95
C PRO B 315 15.20 -43.27 -3.00
N ARG B 316 13.88 -43.32 -2.78
CA ARG B 316 13.16 -44.60 -2.81
C ARG B 316 13.88 -45.62 -1.93
N ASP B 317 14.28 -46.77 -2.50
CA ASP B 317 14.91 -47.87 -1.78
C ASP B 317 16.42 -47.72 -1.61
N THR B 318 17.03 -46.63 -2.06
CA THR B 318 18.48 -46.49 -1.98
C THR B 318 18.96 -46.68 -0.54
N LYS B 319 20.06 -47.40 -0.38
CA LYS B 319 20.68 -47.48 0.93
C LYS B 319 21.38 -46.16 1.19
N LEU B 320 20.88 -45.37 2.12
CA LEU B 320 21.55 -44.12 2.46
C LEU B 320 22.54 -44.31 3.61
N GLU B 321 23.45 -43.36 3.74
CA GLU B 321 24.26 -43.19 4.94
C GLU B 321 23.49 -42.34 5.93
N LEU B 322 23.28 -42.88 7.14
CA LEU B 322 22.37 -42.34 8.15
C LEU B 322 20.93 -42.71 7.78
N LEU B 323 20.27 -43.46 8.67
CA LEU B 323 18.91 -43.91 8.40
C LEU B 323 17.97 -42.71 8.27
N THR B 324 17.15 -42.73 7.21
CA THR B 324 16.17 -41.67 6.97
C THR B 324 14.86 -42.29 6.53
N ASP B 325 13.76 -41.71 7.00
CA ASP B 325 12.43 -42.10 6.55
C ASP B 325 12.06 -41.17 5.39
N VAL B 326 12.20 -41.65 4.15
CA VAL B 326 11.91 -40.79 3.01
C VAL B 326 10.45 -40.34 3.01
N ASN B 327 9.56 -41.09 3.66
CA ASN B 327 8.13 -40.75 3.69
C ASN B 327 7.82 -39.41 4.34
N ILE B 328 8.70 -38.87 5.19
CA ILE B 328 8.43 -37.58 5.81
C ILE B 328 9.20 -36.45 5.14
N HIS B 329 9.89 -36.73 4.04
CA HIS B 329 10.62 -35.71 3.31
C HIS B 329 10.10 -35.58 1.88
N ARG B 330 8.83 -35.90 1.66
CA ARG B 330 8.21 -35.81 0.35
C ARG B 330 7.60 -34.44 0.08
N ILE B 331 7.44 -34.11 -1.19
CA ILE B 331 6.90 -32.81 -1.55
C ILE B 331 6.05 -33.00 -2.78
N ILE B 332 4.90 -32.37 -2.78
CA ILE B 332 4.11 -32.27 -4.01
C ILE B 332 4.70 -31.15 -4.83
N ARG B 333 4.93 -31.40 -6.12
CA ARG B 333 5.48 -30.38 -7.01
C ARG B 333 4.51 -30.10 -8.13
N ARG B 334 4.17 -28.85 -8.28
CA ARG B 334 3.54 -28.35 -9.48
C ARG B 334 4.58 -27.48 -10.19
N ALA B 335 5.09 -27.97 -11.31
CA ALA B 335 6.18 -27.32 -12.06
C ALA B 335 5.63 -26.66 -13.31
N THR B 336 5.99 -25.41 -13.56
CA THR B 336 5.50 -24.69 -14.73
C THR B 336 6.63 -23.99 -15.47
N ALA B 337 6.98 -24.50 -16.66
CA ALA B 337 8.03 -23.91 -17.45
C ALA B 337 7.49 -22.69 -18.18
N TYR B 338 8.33 -21.67 -18.34
CA TYR B 338 7.95 -20.45 -19.04
C TYR B 338 9.03 -20.06 -20.04
N GLY B 339 8.63 -19.18 -20.96
CA GLY B 339 9.52 -18.56 -21.92
C GLY B 339 9.68 -19.37 -23.17
N PRO B 340 10.58 -18.92 -24.04
CA PRO B 340 10.79 -19.62 -25.31
C PRO B 340 11.17 -21.07 -25.11
N ALA B 341 10.69 -21.92 -26.00
CA ALA B 341 10.95 -23.34 -25.89
C ALA B 341 12.44 -23.61 -25.87
N TYR B 342 12.82 -24.62 -25.09
CA TYR B 342 14.18 -25.10 -25.07
C TYR B 342 14.60 -25.54 -26.47
N ASP B 343 15.79 -25.09 -26.88
CA ASP B 343 16.44 -25.41 -28.16
C ASP B 343 17.65 -26.30 -27.87
N PRO B 344 17.64 -27.57 -28.28
CA PRO B 344 18.78 -28.44 -27.95
C PRO B 344 20.05 -28.10 -28.70
N LYS B 345 19.96 -27.31 -29.75
CA LYS B 345 21.10 -26.99 -30.58
C LYS B 345 21.73 -25.65 -30.27
N ALA B 346 21.17 -24.88 -29.35
CA ALA B 346 21.66 -23.54 -29.06
C ALA B 346 22.59 -23.60 -27.87
N ASP B 347 23.89 -23.32 -28.10
CA ASP B 347 24.88 -23.41 -27.03
C ASP B 347 25.70 -22.14 -26.87
N SER B 348 25.22 -21.00 -27.38
CA SER B 348 25.92 -19.74 -27.21
C SER B 348 25.73 -19.15 -25.81
N LEU B 349 26.59 -18.18 -25.47
CA LEU B 349 26.38 -17.44 -24.22
C LEU B 349 25.09 -16.64 -24.28
N ALA B 350 24.76 -16.10 -25.45
CA ALA B 350 23.52 -15.34 -25.60
C ALA B 350 22.29 -16.20 -25.29
N GLU B 351 22.36 -17.50 -25.57
CA GLU B 351 21.24 -18.39 -25.29
C GLU B 351 20.92 -18.42 -23.79
N ASP B 352 21.95 -18.27 -22.94
CA ASP B 352 21.75 -18.20 -21.49
C ASP B 352 20.93 -16.97 -21.07
N LYS B 353 20.86 -15.96 -21.91
CA LYS B 353 20.11 -14.75 -21.55
C LYS B 353 18.69 -14.75 -22.08
N VAL B 354 18.29 -15.77 -22.85
CA VAL B 354 16.88 -15.98 -23.13
C VAL B 354 16.13 -16.12 -21.82
N GLU B 355 15.01 -15.43 -21.68
CA GLU B 355 14.22 -15.47 -20.43
C GLU B 355 13.29 -16.69 -20.42
N ARG B 356 13.88 -17.84 -20.12
CA ARG B 356 13.15 -19.07 -19.92
C ARG B 356 13.55 -19.65 -18.58
N GLY B 357 12.67 -20.48 -18.02
CA GLY B 357 12.95 -21.16 -16.78
C GLY B 357 11.72 -21.91 -16.26
N LEU B 358 11.67 -22.07 -14.94
CA LEU B 358 10.62 -22.79 -14.25
C LEU B 358 10.20 -22.03 -13.02
N TYR B 359 8.90 -22.06 -12.76
CA TYR B 359 8.35 -21.85 -11.43
C TYR B 359 8.02 -23.20 -10.83
N PHE B 360 8.23 -23.34 -9.53
CA PHE B 360 7.71 -24.47 -8.77
C PHE B 360 6.81 -23.99 -7.66
N ILE B 361 5.71 -24.68 -7.53
CA ILE B 361 4.89 -24.66 -6.34
C ILE B 361 5.11 -25.98 -5.61
N PHE B 362 5.85 -25.92 -4.49
CA PHE B 362 6.14 -27.06 -3.63
C PHE B 362 5.13 -27.07 -2.48
N ILE B 363 4.39 -28.16 -2.35
CA ILE B 363 3.23 -28.20 -1.47
C ILE B 363 3.43 -29.30 -0.43
N SER B 364 3.17 -28.94 0.82
CA SER B 364 3.12 -29.90 1.91
C SER B 364 2.73 -29.16 3.18
N ALA B 365 2.22 -29.92 4.15
CA ALA B 365 1.85 -29.39 5.43
C ALA B 365 3.05 -28.88 6.23
N LYS B 366 4.28 -29.23 5.83
CA LYS B 366 5.49 -28.62 6.36
C LYS B 366 6.43 -28.22 5.22
N ALA B 367 5.89 -27.51 4.21
CA ALA B 367 6.63 -27.14 3.01
C ALA B 367 7.92 -26.39 3.37
N MET B 368 7.85 -25.47 4.33
CA MET B 368 9.08 -24.76 4.73
C MET B 368 10.16 -25.74 5.17
N ASP B 369 9.84 -26.61 6.12
CA ASP B 369 10.83 -27.55 6.64
C ASP B 369 11.39 -28.46 5.57
N THR B 370 10.50 -29.04 4.75
CA THR B 370 10.98 -29.98 3.73
C THR B 370 11.76 -29.28 2.63
N THR B 371 11.36 -28.07 2.25
CA THR B 371 12.11 -27.37 1.22
C THR B 371 13.52 -27.04 1.72
N GLU B 372 13.63 -26.59 2.98
CA GLU B 372 14.92 -26.29 3.57
C GLU B 372 15.77 -27.56 3.70
N PHE B 373 15.16 -28.67 4.12
CA PHE B 373 15.86 -29.94 4.23
C PHE B 373 16.39 -30.40 2.87
N LEU B 374 15.54 -30.39 1.84
CA LEU B 374 15.99 -30.80 0.51
C LEU B 374 17.13 -29.91 0.04
N GLN B 375 16.97 -28.59 0.21
CA GLN B 375 17.97 -27.64 -0.26
C GLN B 375 19.31 -27.89 0.42
N LYS B 376 19.26 -28.03 1.75
CA LYS B 376 20.50 -28.03 2.51
C LYS B 376 21.15 -29.40 2.46
N GLU B 377 20.37 -30.47 2.53
CA GLU B 377 20.89 -31.80 2.77
C GLU B 377 20.97 -32.67 1.51
N TRP B 378 20.01 -32.59 0.59
CA TRP B 378 19.99 -33.50 -0.54
C TRP B 378 20.33 -32.83 -1.86
N ILE B 379 20.26 -31.50 -1.95
CA ILE B 379 20.63 -30.75 -3.14
C ILE B 379 22.05 -30.24 -3.07
N ASN B 380 22.42 -29.54 -1.99
CA ASN B 380 23.69 -28.84 -1.91
C ASN B 380 24.74 -29.54 -1.04
N LYS B 381 24.52 -30.83 -0.76
CA LYS B 381 25.50 -31.73 -0.17
C LYS B 381 25.22 -33.12 -0.73
N ALA B 382 26.12 -34.07 -0.42
CA ALA B 382 25.92 -35.44 -0.85
C ALA B 382 26.31 -36.46 0.23
N ASN B 383 26.34 -36.03 1.50
CA ASN B 383 26.65 -36.95 2.59
C ASN B 383 25.68 -38.13 2.64
N PHE B 384 24.40 -37.87 2.40
CA PHE B 384 23.41 -38.94 2.48
C PHE B 384 23.69 -40.06 1.49
N ILE B 385 24.34 -39.76 0.37
CA ILE B 385 24.66 -40.76 -0.64
C ILE B 385 26.16 -41.05 -0.66
N GLY B 386 26.90 -40.55 0.31
CA GLY B 386 28.33 -40.85 0.40
C GLY B 386 29.16 -40.30 -0.74
N GLN B 387 28.74 -39.20 -1.36
CA GLN B 387 29.50 -38.56 -2.42
C GLN B 387 29.97 -37.17 -2.01
N GLY B 388 30.20 -37.00 -0.71
CA GLY B 388 30.94 -35.86 -0.24
C GLY B 388 30.24 -34.53 -0.52
N SER B 389 30.95 -33.65 -1.22
CA SER B 389 30.48 -32.29 -1.44
C SER B 389 29.72 -32.13 -2.76
N GLU B 390 29.51 -33.21 -3.51
CA GLU B 390 28.83 -33.09 -4.80
C GLU B 390 27.43 -32.51 -4.61
N ARG B 391 27.04 -31.62 -5.52
CA ARG B 391 25.74 -30.98 -5.48
C ARG B 391 24.91 -31.38 -6.70
N ASP B 392 23.60 -31.31 -6.52
CA ASP B 392 22.67 -31.63 -7.58
C ASP B 392 23.08 -30.95 -8.89
N PRO B 393 23.24 -31.70 -10.00
CA PRO B 393 23.74 -31.06 -11.23
C PRO B 393 22.75 -30.11 -11.87
N ILE B 394 21.45 -30.23 -11.55
CA ILE B 394 20.38 -29.49 -12.21
C ILE B 394 20.03 -28.20 -11.46
N VAL B 395 20.08 -28.20 -10.12
CA VAL B 395 19.63 -27.05 -9.35
C VAL B 395 20.58 -26.76 -8.18
N GLY B 396 21.63 -27.58 -8.02
CA GLY B 396 22.65 -27.26 -7.04
C GLY B 396 23.46 -26.05 -7.46
N LEU B 397 23.96 -25.32 -6.47
CA LEU B 397 24.88 -24.21 -6.71
C LEU B 397 26.24 -24.77 -7.03
N GLN B 398 26.67 -24.64 -8.29
CA GLN B 398 27.90 -25.27 -8.73
C GLN B 398 29.07 -24.29 -8.81
N ASP B 399 30.27 -24.86 -8.74
CA ASP B 399 31.47 -24.22 -9.27
C ASP B 399 32.30 -25.27 -9.98
N GLU B 400 33.31 -24.82 -10.72
CA GLU B 400 33.97 -25.72 -11.66
C GLU B 400 34.68 -26.88 -11.00
N ASP B 401 35.03 -26.78 -9.71
CA ASP B 401 35.78 -27.82 -9.02
C ASP B 401 34.91 -28.91 -8.44
N LEU B 402 33.61 -28.66 -8.28
CA LEU B 402 32.71 -29.70 -7.81
C LEU B 402 32.48 -30.75 -8.89
N THR B 403 32.21 -31.98 -8.45
CA THR B 403 32.13 -33.07 -9.40
C THR B 403 30.72 -33.67 -9.43
N PHE B 404 30.51 -34.48 -10.47
CA PHE B 404 29.34 -35.35 -10.60
C PHE B 404 29.85 -36.76 -10.85
N THR B 405 29.56 -37.66 -9.92
CA THR B 405 30.03 -39.05 -10.06
C THR B 405 29.11 -39.82 -10.99
N LEU B 406 29.71 -40.40 -12.03
CA LEU B 406 29.01 -41.18 -13.04
C LEU B 406 29.47 -42.62 -12.90
N PRO B 407 28.75 -43.48 -12.19
CA PRO B 407 29.16 -44.88 -12.08
C PRO B 407 29.22 -45.56 -13.44
N LYS B 408 30.32 -46.30 -13.66
CA LYS B 408 30.52 -47.06 -14.89
C LYS B 408 31.38 -48.27 -14.57
N GLU B 409 31.28 -49.28 -15.41
CA GLU B 409 32.32 -50.30 -15.35
C GLU B 409 33.41 -49.96 -16.36
N PRO B 410 34.70 -50.15 -16.02
CA PRO B 410 35.22 -50.80 -14.82
C PRO B 410 35.29 -49.88 -13.61
N VAL B 411 35.40 -48.57 -13.86
CA VAL B 411 35.64 -47.60 -12.80
C VAL B 411 34.75 -46.38 -13.07
N ARG B 412 34.37 -45.70 -11.99
CA ARG B 412 33.56 -44.50 -12.09
C ARG B 412 34.33 -43.39 -12.80
N GLN B 413 33.57 -42.46 -13.37
CA GLN B 413 34.06 -41.21 -13.94
C GLN B 413 33.49 -40.06 -13.14
N ARG B 414 34.30 -39.04 -12.89
CA ARG B 414 33.85 -37.85 -12.19
C ARG B 414 33.91 -36.68 -13.15
N LEU B 415 32.74 -36.20 -13.57
CA LEU B 415 32.68 -34.99 -14.37
C LEU B 415 32.80 -33.76 -13.47
N ARG B 416 33.18 -32.63 -14.07
CA ARG B 416 33.27 -31.36 -13.36
C ARG B 416 33.05 -30.23 -14.36
N GLY B 417 33.27 -29.00 -13.92
CA GLY B 417 33.10 -27.84 -14.77
C GLY B 417 31.67 -27.43 -15.03
N MET B 418 30.78 -27.69 -14.09
CA MET B 418 29.39 -27.29 -14.23
C MET B 418 29.19 -25.85 -13.83
N ASP B 419 28.21 -25.21 -14.47
CA ASP B 419 27.62 -23.97 -13.99
C ASP B 419 26.41 -24.31 -13.14
N THR B 420 25.84 -23.30 -12.48
CA THR B 420 24.49 -23.46 -11.93
C THR B 420 23.53 -23.30 -13.08
N PHE B 421 22.88 -24.39 -13.48
CA PHE B 421 22.09 -24.39 -14.70
C PHE B 421 20.71 -23.81 -14.48
N ASN B 422 20.21 -23.79 -13.24
CA ASN B 422 18.92 -23.20 -12.89
C ASN B 422 19.17 -22.33 -11.68
N VAL B 423 19.01 -21.02 -11.87
CA VAL B 423 19.37 -20.01 -10.88
C VAL B 423 18.11 -19.41 -10.30
N LEU B 424 18.09 -19.29 -8.97
CA LEU B 424 16.94 -18.78 -8.26
C LEU B 424 16.79 -17.29 -8.51
N ARG B 425 15.61 -16.91 -8.99
CA ARG B 425 15.28 -15.51 -9.19
CA ARG B 425 15.26 -15.51 -9.21
C ARG B 425 14.38 -14.94 -8.11
N GLY B 426 13.76 -15.76 -7.28
CA GLY B 426 12.95 -15.25 -6.20
C GLY B 426 12.02 -16.33 -5.71
N GLY B 427 11.46 -16.11 -4.54
CA GLY B 427 10.43 -17.00 -4.04
C GLY B 427 9.77 -16.48 -2.78
N GLU B 428 8.75 -17.22 -2.35
CA GLU B 428 7.99 -16.90 -1.15
C GLU B 428 7.50 -18.15 -0.47
N TYR B 429 7.37 -18.07 0.84
CA TYR B 429 6.62 -19.05 1.60
C TYR B 429 5.19 -18.57 1.74
N LEU B 430 4.26 -19.44 1.41
CA LEU B 430 2.86 -19.08 1.30
C LEU B 430 1.97 -20.11 2.00
N PHE B 431 0.77 -19.65 2.34
CA PHE B 431 -0.28 -20.48 2.95
C PHE B 431 -1.43 -20.62 1.96
N MET B 432 -1.72 -21.87 1.59
CA MET B 432 -2.80 -22.18 0.65
C MET B 432 -4.01 -22.58 1.47
N PRO B 433 -4.93 -21.67 1.75
CA PRO B 433 -5.99 -21.97 2.73
C PRO B 433 -7.09 -22.80 2.10
N SER B 434 -7.87 -23.45 2.97
CA SER B 434 -9.10 -24.08 2.54
C SER B 434 -10.06 -23.03 1.99
N LEU B 435 -11.11 -23.52 1.32
CA LEU B 435 -12.16 -22.61 0.85
C LEU B 435 -12.85 -21.92 2.03
N SER B 436 -13.11 -22.67 3.11
CA SER B 436 -13.70 -22.10 4.31
C SER B 436 -12.80 -21.03 4.91
N ALA B 437 -11.48 -21.26 4.89
CA ALA B 437 -10.54 -20.30 5.45
C ALA B 437 -10.48 -19.03 4.64
N LEU B 438 -10.51 -19.16 3.30
CA LEU B 438 -10.56 -18.00 2.43
C LEU B 438 -11.78 -17.17 2.71
N LYS B 439 -12.93 -17.82 2.90
CA LYS B 439 -14.14 -17.09 3.27
C LYS B 439 -13.94 -16.37 4.59
N TRP B 440 -13.39 -17.07 5.58
CA TRP B 440 -13.15 -16.46 6.90
C TRP B 440 -12.23 -15.25 6.78
N LEU B 441 -11.17 -15.38 6.00
CA LEU B 441 -10.23 -14.27 5.83
C LEU B 441 -10.90 -13.07 5.20
N SER B 442 -11.77 -13.31 4.21
CA SER B 442 -12.42 -12.22 3.51
C SER B 442 -13.46 -11.50 4.36
N GLU B 443 -13.86 -12.08 5.48
CA GLU B 443 -14.89 -11.53 6.36
C GLU B 443 -14.32 -10.98 7.65
N LEU B 444 -13.00 -10.94 7.79
CA LEU B 444 -12.41 -10.30 8.97
C LEU B 444 -12.85 -8.83 9.01
N LYS B 445 -12.99 -8.31 10.23
CA LYS B 445 -13.53 -6.96 10.44
C LYS B 445 -12.45 -6.14 11.10
CHA HEM C . -12.29 34.80 9.36
CHB HEM C . -15.94 31.82 7.99
CHC HEM C . -13.77 28.27 10.44
CHD HEM C . -10.13 31.14 11.68
C1A HEM C . -13.45 34.30 8.81
C2A HEM C . -14.40 35.12 8.07
C3A HEM C . -15.40 34.29 7.70
C4A HEM C . -15.12 32.94 8.18
CMA HEM C . -16.66 34.70 6.91
CAA HEM C . -14.31 36.65 7.80
CBA HEM C . -13.68 37.06 6.48
CGA HEM C . -12.17 36.81 6.50
O1A HEM C . -11.42 37.45 7.26
O2A HEM C . -11.69 35.96 5.70
C1B HEM C . -15.68 30.60 8.52
C2B HEM C . -16.48 29.40 8.33
C3B HEM C . -15.87 28.40 9.00
C4B HEM C . -14.66 28.95 9.62
CMB HEM C . -17.79 29.33 7.52
CAB HEM C . -16.38 26.93 9.07
CBB HEM C . -15.58 25.93 9.43
C1C HEM C . -12.62 28.73 11.02
C2C HEM C . -11.70 27.93 11.86
C3C HEM C . -10.68 28.74 12.17
C4C HEM C . -10.95 30.03 11.59
CMC HEM C . -11.89 26.43 12.22
CAC HEM C . -9.42 28.47 13.02
CBC HEM C . -9.24 27.35 13.76
C1D HEM C . -10.41 32.37 11.14
C2D HEM C . -9.54 33.54 11.20
C3D HEM C . -10.13 34.54 10.57
C4D HEM C . -11.38 34.05 10.06
CMD HEM C . -8.16 33.56 11.85
CAD HEM C . -9.56 35.99 10.37
CBD HEM C . -9.91 36.82 11.60
CGD HEM C . -9.32 38.21 11.51
O1D HEM C . -10.08 39.20 11.69
O2D HEM C . -8.10 38.33 11.30
NA HEM C . -13.91 32.98 8.85
NB HEM C . -14.59 30.28 9.31
NC HEM C . -12.11 29.99 10.88
ND HEM C . -11.55 32.71 10.44
FE HEM C . -13.07 31.51 9.95
HHB HEM C . -16.74 31.92 7.44
HHC HEM C . -14.01 27.33 10.62
HHD HEM C . -9.30 31.05 12.18
HMA HEM C . -16.97 35.58 7.20
HMAA HEM C . -17.37 34.04 7.07
HMAB HEM C . -16.45 34.72 5.95
HAA HEM C . -13.78 37.04 8.52
HAAA HEM C . -15.22 37.01 7.83
HBA HEM C . -13.85 38.00 6.32
HBAA HEM C . -14.07 36.53 5.76
HMB HEM C . -18.17 28.43 7.58
HMBA HEM C . -17.61 29.53 6.58
HMBB HEM C . -18.43 29.96 7.86
HAB HEM C . -17.29 26.74 8.85
HBB HEM C . -15.93 25.01 9.46
HBBA HEM C . -14.65 26.09 9.66
HMC HEM C . -11.02 25.99 12.22
HMCA HEM C . -12.46 26.01 11.57
HMCB HEM C . -12.28 26.36 13.10
HAC HEM C . -8.73 29.13 13.03
HBC HEM C . -8.43 27.24 14.28
HBCA HEM C . -9.92 26.67 13.77
HMD HEM C . -8.18 33.07 12.70
HMDA HEM C . -7.90 34.50 12.03
HMDB HEM C . -7.50 33.16 11.26
HAD HEM C . -9.97 36.39 9.58
HADA HEM C . -8.60 35.96 10.26
HBD HEM C . -9.57 36.38 12.39
HBDA HEM C . -10.88 36.90 11.67
HHA HEM C . -12.11 35.75 9.25
O OH D . -12.09 30.96 8.26
O OH E . -13.10 31.59 6.22
CL CL F . -6.10 33.73 0.96
CA CA G . -31.52 21.88 14.86
CHA HEM H . 11.88 -34.59 -10.48
CHB HEM H . 12.31 -31.81 -6.50
CHC HEM H . 14.23 -28.33 -9.32
CHD HEM H . 13.68 -31.06 -13.25
C1A HEM H . 11.80 -34.11 -9.20
C2A HEM H . 11.17 -34.79 -8.09
C3A HEM H . 11.30 -34.03 -7.00
C4A HEM H . 12.00 -32.85 -7.36
CMA HEM H . 10.78 -34.36 -5.58
CAA HEM H . 10.52 -36.20 -8.18
CBA HEM H . 11.49 -37.28 -7.68
CGA HEM H . 10.82 -38.65 -7.79
O1A HEM H . 9.79 -38.84 -7.07
O2A HEM H . 11.35 -39.52 -8.58
C1B HEM H . 12.91 -30.65 -6.90
C2B HEM H . 13.28 -29.55 -6.05
C3B HEM H . 13.80 -28.59 -6.86
C4B HEM H . 13.79 -29.08 -8.23
CMB HEM H . 13.04 -29.49 -4.53
CAB HEM H . 14.32 -27.19 -6.48
CBB HEM H . 14.60 -26.84 -5.24
C1C HEM H . 14.21 -28.75 -10.63
C2C HEM H . 14.66 -27.95 -11.76
C3C HEM H . 14.54 -28.72 -12.84
C4C HEM H . 13.98 -30.00 -12.44
CMC HEM H . 15.20 -26.49 -11.63
CAC HEM H . 14.87 -28.28 -14.28
CBC HEM H . 15.22 -29.15 -15.22
C1D HEM H . 13.13 -32.26 -12.84
C2D HEM H . 12.86 -33.40 -13.67
C3D HEM H . 12.36 -34.39 -12.92
C4D HEM H . 12.34 -33.89 -11.55
CMD HEM H . 13.11 -33.35 -15.19
CAD HEM H . 11.93 -35.81 -13.34
CBD HEM H . 10.50 -35.87 -13.89
CGD HEM H . 9.43 -35.82 -12.82
O1D HEM H . 8.66 -34.82 -12.86
O2D HEM H . 9.38 -36.68 -11.92
NA HEM H . 12.29 -32.90 -8.72
NB HEM H . 13.22 -30.37 -8.24
NC HEM H . 13.81 -29.99 -11.07
ND HEM H . 12.80 -32.59 -11.53
FE HEM H . 13.11 -31.45 -9.85
HHB HEM H . 12.09 -31.92 -5.55
HHC HEM H . 14.60 -27.44 -9.13
HHD HEM H . 13.88 -30.97 -14.20
HMA HEM H . 10.99 -33.62 -4.98
HMAA HEM H . 11.21 -35.18 -5.26
HMAB HEM H . 9.81 -34.49 -5.61
HAA HEM H . 10.27 -36.38 -9.09
HAAA HEM H . 9.71 -36.21 -7.62
HBA HEM H . 11.73 -37.11 -6.75
HBAA HEM H . 12.30 -37.27 -8.22
HMB HEM H . 12.36 -30.12 -4.28
HMBA HEM H . 12.76 -28.60 -4.27
HMBB HEM H . 13.87 -29.71 -4.06
HAB HEM H . 14.45 -26.55 -7.18
HBB HEM H . 14.93 -25.95 -5.05
HBBA HEM H . 14.48 -27.48 -4.52
HMC HEM H . 14.52 -25.92 -11.24
HMCA HEM H . 15.44 -26.15 -12.51
HMCB HEM H . 15.99 -26.48 -11.07
HAC HEM H . 14.83 -27.35 -14.50
HBC HEM H . 15.42 -28.84 -16.12
HBCA HEM H . 15.27 -30.10 -15.01
HMD HEM H . 12.80 -34.19 -15.59
HMDA HEM H . 14.07 -33.25 -15.35
HMDB HEM H . 12.63 -32.59 -15.57
HAD HEM H . 11.98 -36.39 -12.57
HADA HEM H . 12.53 -36.12 -14.03
HBD HEM H . 10.39 -36.70 -14.38
HBDA HEM H . 10.37 -35.12 -14.49
HHA HEM H . 11.58 -35.50 -10.63
O OH I . 11.19 -30.61 -10.19
O OH J . 10.35 -30.78 -12.22
CL CL K . 1.69 -32.13 -11.29
CA CA L . 30.45 -21.48 -17.44
#